data_7C6A
#
_entry.id   7C6A
#
_cell.length_a   40.230
_cell.length_b   131.040
_cell.length_c   113.800
_cell.angle_alpha   90.000
_cell.angle_beta   97.070
_cell.angle_gamma   90.000
#
_symmetry.space_group_name_H-M   'P 1 21 1'
#
loop_
_entity.id
_entity.type
_entity.pdbx_description
1 polymer 'IgG Light Chain'
2 polymer 'IgG heavy chain'
3 polymer 'Type-2 angiotensin II receptor,Soluble cytochrome b562,Type-2 angiotensin II receptor'
4 polymer 'SAR1, ILE8-ANGIOTENSIN II'
#
loop_
_entity_poly.entity_id
_entity_poly.type
_entity_poly.pdbx_seq_one_letter_code
_entity_poly.pdbx_strand_id
1 'polypeptide(L)'
;DIVLTQSPATLSVTPGDRVSLSCRASQSVSNYLHWYQQKSHESPRLLIKYASQSISGIPSRFSGSGSGTDFTLSINSVET
EDFGMYFCQQSNSWPLTFGAGTKLELRRADAAPTVSIFPPSSEQLTSGGASVVCFLNNFYPKDINVKWKIDGSERQNGVL
NSWTDQDSKDSTYSMSSTLTLTKDEYERHNSYTCEATHKTSTSPIVKSFNRNEC
;
L
2 'polypeptide(L)'
;QIQLQQSGPELVKPGASVKISCKASGYTFTDFYINWMKQRPGQGLEWIGWIFPGSGNTHYNEKFKGKATLIVDTSSSTAF
MQLNSLTSEDSAVYFCTRPVSYYYDFDYWGQGTTLTVSSAKTTAPSVYPLAPVCGDTSGSSVTLGCLVKGYFPEPVTLTW
NSGSLSSGVHTFPAVLQSDLYTLSSSVTVTSSTWPSQSITCNVAHPASSTKVDKKIEPRGPTIK
;
H
3 'polypeptide(L)'
;GCSQKPSDKHLDAIPILYYIIFVIGFLVNIVVVTLFCCQKGPKKVSSIYIFNLAVADLLVLATLPLWATYYSYRYDWLFG
PVMCKVFGSFLTLNMFASIWFITCMSVDRYQSVIYPFLSQRRNPWQASYIVPLVWCMACLSSLPTFYFRDVRTIEYLGVN
ACIMAFPPEKYAQWSAGIALMKNILGFIIPLIFIATCYFGIRKHLLKTNADLEDNWETLNDNLKVIEKADNAAQVKDALT
KMRAAALDAQKATPPKLEDKSPDSPEMKDFRHGFDILVGQIDDALKLANEGKVKEAQAAAEQLKTTRNAYIQKYLKNRIT
RDQVLKMAAAVVLAFIICWLPFHVLTFLDALAWMGVINSCEVIAVIDLALPFAILLGFTNSCVNPFLYCFVGNRFQQKLR
SVFRVPITWLQGKRESENLYFQ
;
A
4 'polypeptide(L)' (SAR)RVYIHPI B
#
# COMPACT_ATOMS: atom_id res chain seq x y z
N ASP A 1 -3.98 1.12 3.45
CA ASP A 1 -4.89 -0.05 3.63
C ASP A 1 -4.66 -1.03 2.46
N ILE A 2 -4.71 -2.33 2.74
CA ILE A 2 -4.41 -3.40 1.74
C ILE A 2 -5.55 -3.46 0.72
N VAL A 3 -5.37 -2.85 -0.45
CA VAL A 3 -6.35 -2.95 -1.57
C VAL A 3 -6.35 -4.40 -2.06
N LEU A 4 -7.53 -4.92 -2.42
CA LEU A 4 -7.73 -6.28 -2.98
C LEU A 4 -8.46 -6.17 -4.32
N THR A 5 -7.74 -6.47 -5.40
CA THR A 5 -8.06 -6.12 -6.82
C THR A 5 -8.59 -7.35 -7.55
N GLN A 6 -9.91 -7.52 -7.59
CA GLN A 6 -10.58 -8.66 -8.27
C GLN A 6 -10.61 -8.42 -9.78
N SER A 7 -10.45 -9.49 -10.57
CA SER A 7 -10.50 -9.45 -12.05
C SER A 7 -10.94 -10.80 -12.62
N PRO A 8 -11.84 -10.84 -13.63
CA PRO A 8 -12.55 -9.65 -14.10
C PRO A 8 -13.79 -9.31 -13.25
N ALA A 9 -14.58 -8.33 -13.68
CA ALA A 9 -15.82 -7.86 -13.00
C ALA A 9 -17.02 -8.72 -13.45
N THR A 10 -17.24 -8.84 -14.77
CA THR A 10 -18.29 -9.70 -15.38
C THR A 10 -17.61 -10.95 -15.97
N LEU A 11 -18.38 -12.01 -16.25
CA LEU A 11 -17.86 -13.29 -16.82
C LEU A 11 -19.02 -14.22 -17.16
N SER A 12 -19.25 -14.46 -18.46
CA SER A 12 -20.41 -15.23 -19.01
C SER A 12 -20.09 -16.72 -19.07
N VAL A 13 -20.38 -17.45 -17.99
CA VAL A 13 -20.13 -18.91 -17.85
C VAL A 13 -21.17 -19.69 -18.66
N THR A 14 -20.94 -21.00 -18.81
CA THR A 14 -21.95 -21.99 -19.28
C THR A 14 -21.99 -23.15 -18.29
N PRO A 15 -23.18 -23.52 -17.77
CA PRO A 15 -23.33 -24.72 -16.93
C PRO A 15 -22.59 -25.95 -17.47
N GLY A 16 -21.41 -26.23 -16.91
CA GLY A 16 -20.52 -27.34 -17.30
C GLY A 16 -19.05 -26.94 -17.38
N ASP A 17 -18.76 -25.64 -17.58
CA ASP A 17 -17.40 -25.08 -17.82
C ASP A 17 -16.71 -24.81 -16.48
N ARG A 18 -15.40 -25.05 -16.39
CA ARG A 18 -14.53 -24.63 -15.24
C ARG A 18 -14.12 -23.18 -15.46
N VAL A 19 -13.92 -22.43 -14.37
CA VAL A 19 -13.67 -20.96 -14.39
C VAL A 19 -12.71 -20.58 -13.27
N SER A 20 -11.81 -19.62 -13.56
CA SER A 20 -10.78 -19.08 -12.63
C SER A 20 -11.06 -17.60 -12.37
N LEU A 21 -11.01 -17.18 -11.09
CA LEU A 21 -11.28 -15.79 -10.66
C LEU A 21 -10.05 -15.21 -9.97
N SER A 22 -9.40 -14.25 -10.62
CA SER A 22 -8.16 -13.55 -10.15
C SER A 22 -8.52 -12.54 -9.06
N CYS A 23 -7.81 -12.61 -7.92
CA CYS A 23 -7.91 -11.65 -6.78
C CYS A 23 -6.49 -11.30 -6.31
N ARG A 24 -5.88 -10.29 -6.92
CA ARG A 24 -4.48 -9.83 -6.64
C ARG A 24 -4.49 -8.91 -5.41
N ALA A 25 -3.30 -8.62 -4.88
CA ALA A 25 -3.09 -7.92 -3.59
C ALA A 25 -2.01 -6.84 -3.74
N SER A 26 -2.33 -5.60 -3.33
CA SER A 26 -1.41 -4.43 -3.42
C SER A 26 -0.13 -4.71 -2.62
N GLN A 27 -0.24 -5.46 -1.52
CA GLN A 27 0.92 -5.95 -0.71
C GLN A 27 0.67 -7.40 -0.26
N SER A 28 1.65 -7.99 0.42
CA SER A 28 1.62 -9.40 0.93
C SER A 28 0.48 -9.55 1.95
N VAL A 29 -0.35 -10.58 1.76
CA VAL A 29 -1.50 -10.86 2.67
C VAL A 29 -1.37 -12.28 3.24
N SER A 30 -0.33 -13.01 2.84
CA SER A 30 -0.06 -14.42 3.25
C SER A 30 -1.20 -15.34 2.78
N ASN A 31 -1.52 -16.38 3.55
CA ASN A 31 -2.62 -17.33 3.19
C ASN A 31 -3.94 -16.81 3.77
N TYR A 32 -3.86 -15.77 4.60
CA TYR A 32 -5.04 -15.14 5.25
C TYR A 32 -5.93 -14.46 4.20
N LEU A 33 -6.54 -15.25 3.30
CA LEU A 33 -7.55 -14.75 2.33
C LEU A 33 -8.76 -15.70 2.31
N HIS A 34 -9.96 -15.12 2.26
CA HIS A 34 -11.26 -15.84 2.27
C HIS A 34 -12.08 -15.41 1.07
N TRP A 35 -12.76 -16.36 0.43
CA TRP A 35 -13.70 -16.13 -0.69
C TRP A 35 -15.13 -16.13 -0.14
N TYR A 36 -16.09 -15.59 -0.91
CA TYR A 36 -17.52 -15.44 -0.53
C TYR A 36 -18.41 -15.53 -1.76
N GLN A 37 -19.67 -15.95 -1.58
CA GLN A 37 -20.76 -15.87 -2.60
C GLN A 37 -21.89 -15.01 -2.03
N GLN A 38 -22.54 -14.22 -2.90
CA GLN A 38 -23.71 -13.36 -2.58
C GLN A 38 -24.56 -13.22 -3.85
N LYS A 39 -25.88 -13.44 -3.73
CA LYS A 39 -26.81 -13.53 -4.89
C LYS A 39 -27.70 -12.28 -4.93
N SER A 40 -28.59 -12.12 -3.95
CA SER A 40 -29.61 -11.04 -3.89
C SER A 40 -29.30 -10.09 -2.73
N HIS A 41 -28.11 -9.49 -2.75
CA HIS A 41 -27.63 -8.45 -1.78
C HIS A 41 -27.63 -8.98 -0.33
N GLU A 42 -27.90 -10.27 -0.12
CA GLU A 42 -28.12 -10.87 1.23
C GLU A 42 -26.76 -11.22 1.87
N SER A 43 -26.77 -11.64 3.13
CA SER A 43 -25.58 -12.03 3.92
C SER A 43 -24.77 -13.07 3.15
N PRO A 44 -23.47 -12.81 2.88
CA PRO A 44 -22.70 -13.64 1.95
C PRO A 44 -22.24 -14.97 2.58
N ARG A 45 -22.18 -16.03 1.75
CA ARG A 45 -21.86 -17.42 2.17
C ARG A 45 -20.35 -17.65 2.05
N LEU A 46 -19.68 -17.95 3.16
CA LEU A 46 -18.25 -18.35 3.20
C LEU A 46 -18.06 -19.65 2.40
N LEU A 47 -17.37 -19.57 1.26
CA LEU A 47 -17.10 -20.71 0.35
C LEU A 47 -15.80 -21.41 0.75
N ILE A 48 -14.73 -20.63 0.88
CA ILE A 48 -13.34 -21.10 1.15
C ILE A 48 -12.67 -20.14 2.13
N LYS A 49 -11.88 -20.68 3.05
CA LYS A 49 -11.11 -19.93 4.08
C LYS A 49 -9.62 -20.29 3.95
N TYR A 50 -8.74 -19.33 4.23
CA TYR A 50 -7.28 -19.56 4.18
C TYR A 50 -6.86 -20.08 2.80
N ALA A 51 -7.45 -19.49 1.75
CA ALA A 51 -7.18 -19.73 0.31
C ALA A 51 -7.67 -21.09 -0.21
N SER A 52 -7.21 -22.21 0.36
CA SER A 52 -7.63 -23.53 -0.19
C SER A 52 -8.37 -24.41 0.83
N GLN A 53 -8.63 -23.92 2.05
CA GLN A 53 -9.30 -24.80 3.05
C GLN A 53 -10.80 -24.89 2.73
N SER A 54 -11.30 -26.12 2.60
CA SER A 54 -12.71 -26.45 2.24
C SER A 54 -13.64 -26.10 3.41
N ILE A 55 -14.87 -25.66 3.12
CA ILE A 55 -15.93 -25.34 4.13
C ILE A 55 -16.95 -26.48 4.14
N SER A 56 -17.32 -26.93 5.35
CA SER A 56 -18.42 -27.90 5.57
C SER A 56 -19.69 -27.32 4.93
N GLY A 57 -20.34 -28.09 4.04
CA GLY A 57 -21.60 -27.70 3.38
C GLY A 57 -21.40 -27.30 1.93
N ILE A 58 -20.31 -26.60 1.62
CA ILE A 58 -20.02 -26.09 0.24
C ILE A 58 -19.72 -27.29 -0.65
N PRO A 59 -20.23 -27.32 -1.90
CA PRO A 59 -19.98 -28.46 -2.80
C PRO A 59 -18.50 -28.53 -3.24
N SER A 60 -18.07 -29.71 -3.67
CA SER A 60 -16.66 -30.04 -4.05
C SER A 60 -16.17 -29.11 -5.16
N ARG A 61 -17.03 -28.82 -6.14
CA ARG A 61 -16.68 -28.10 -7.41
C ARG A 61 -15.99 -26.76 -7.12
N PHE A 62 -16.07 -26.21 -5.91
CA PHE A 62 -15.34 -24.99 -5.47
C PHE A 62 -13.99 -25.37 -4.84
N SER A 63 -12.90 -24.80 -5.35
CA SER A 63 -11.50 -25.01 -4.86
C SER A 63 -10.70 -23.72 -4.95
N GLY A 64 -10.00 -23.37 -3.86
CA GLY A 64 -9.17 -22.16 -3.73
C GLY A 64 -7.70 -22.49 -3.88
N SER A 65 -6.86 -21.49 -4.16
CA SER A 65 -5.44 -21.68 -4.58
C SER A 65 -4.67 -20.36 -4.46
N GLY A 66 -3.36 -20.40 -4.71
CA GLY A 66 -2.43 -19.28 -4.56
C GLY A 66 -2.03 -19.09 -3.11
N SER A 67 -1.28 -18.02 -2.80
CA SER A 67 -0.77 -17.67 -1.45
C SER A 67 0.05 -16.38 -1.51
N GLY A 68 -0.05 -15.56 -0.46
CA GLY A 68 0.83 -14.40 -0.23
C GLY A 68 0.35 -13.13 -0.91
N THR A 69 0.31 -13.11 -2.24
CA THR A 69 0.13 -11.88 -3.06
C THR A 69 -0.81 -12.10 -4.27
N ASP A 70 -1.19 -13.35 -4.58
CA ASP A 70 -1.97 -13.71 -5.81
C ASP A 70 -2.77 -15.00 -5.57
N PHE A 71 -4.10 -14.88 -5.49
CA PHE A 71 -5.05 -15.97 -5.17
C PHE A 71 -6.11 -16.12 -6.26
N THR A 72 -6.65 -17.34 -6.39
CA THR A 72 -7.65 -17.71 -7.42
C THR A 72 -8.65 -18.70 -6.83
N LEU A 73 -9.88 -18.68 -7.35
CA LEU A 73 -10.99 -19.58 -6.96
C LEU A 73 -11.46 -20.35 -8.21
N SER A 74 -10.96 -21.58 -8.38
CA SER A 74 -11.30 -22.50 -9.50
C SER A 74 -12.59 -23.24 -9.17
N ILE A 75 -13.70 -22.87 -9.82
CA ILE A 75 -14.96 -23.67 -9.84
C ILE A 75 -14.81 -24.70 -10.98
N ASN A 76 -14.78 -25.99 -10.63
CA ASN A 76 -14.33 -27.11 -11.50
C ASN A 76 -15.44 -27.52 -12.48
N SER A 77 -16.66 -27.03 -12.27
CA SER A 77 -17.79 -27.10 -13.26
C SER A 77 -18.95 -26.24 -12.77
N VAL A 78 -19.16 -25.08 -13.41
CA VAL A 78 -20.25 -24.12 -13.07
C VAL A 78 -21.60 -24.78 -13.40
N GLU A 79 -22.59 -24.58 -12.55
CA GLU A 79 -24.00 -24.97 -12.78
C GLU A 79 -24.86 -23.71 -12.69
N THR A 80 -26.17 -23.83 -12.94
CA THR A 80 -27.13 -22.70 -12.94
C THR A 80 -27.08 -21.96 -11.61
N GLU A 81 -26.95 -22.69 -10.49
CA GLU A 81 -27.00 -22.14 -9.11
C GLU A 81 -25.84 -21.17 -8.85
N ASP A 82 -24.71 -21.33 -9.55
CA ASP A 82 -23.41 -20.71 -9.18
C ASP A 82 -23.39 -19.21 -9.48
N PHE A 83 -24.34 -18.68 -10.25
CA PHE A 83 -24.40 -17.24 -10.63
C PHE A 83 -24.47 -16.38 -9.36
N GLY A 84 -23.96 -15.16 -9.45
CA GLY A 84 -23.97 -14.17 -8.37
C GLY A 84 -22.60 -13.57 -8.13
N MET A 85 -22.46 -12.77 -7.08
CA MET A 85 -21.19 -12.11 -6.70
C MET A 85 -20.23 -13.13 -6.09
N TYR A 86 -18.94 -12.83 -6.14
CA TYR A 86 -17.87 -13.51 -5.38
C TYR A 86 -16.91 -12.44 -4.85
N PHE A 87 -16.71 -12.39 -3.53
CA PHE A 87 -15.88 -11.40 -2.82
C PHE A 87 -14.71 -12.11 -2.12
N CYS A 88 -13.49 -11.57 -2.26
CA CYS A 88 -12.29 -12.04 -1.52
C CYS A 88 -11.94 -11.03 -0.44
N GLN A 89 -11.55 -11.52 0.74
CA GLN A 89 -11.31 -10.75 1.99
C GLN A 89 -9.97 -11.19 2.59
N GLN A 90 -9.05 -10.24 2.81
CA GLN A 90 -7.80 -10.50 3.58
C GLN A 90 -8.14 -10.42 5.07
N SER A 91 -7.70 -11.43 5.83
CA SER A 91 -7.78 -11.49 7.31
C SER A 91 -6.42 -11.10 7.90
N ASN A 92 -5.54 -10.47 7.12
CA ASN A 92 -4.11 -10.29 7.47
C ASN A 92 -3.97 -9.19 8.52
N SER A 93 -4.35 -7.96 8.20
CA SER A 93 -4.12 -6.78 9.06
C SER A 93 -5.26 -5.76 8.93
N TRP A 94 -5.63 -5.13 10.06
CA TRP A 94 -6.59 -4.01 10.11
C TRP A 94 -6.10 -2.91 9.18
N PRO A 95 -6.98 -2.26 8.38
CA PRO A 95 -8.40 -2.57 8.38
C PRO A 95 -8.64 -3.75 7.43
N LEU A 96 -9.51 -4.68 7.82
CA LEU A 96 -9.94 -5.81 6.94
C LEU A 96 -10.43 -5.19 5.62
N THR A 97 -10.14 -5.83 4.50
CA THR A 97 -10.39 -5.26 3.15
C THR A 97 -10.99 -6.33 2.24
N PHE A 98 -11.99 -5.94 1.46
CA PHE A 98 -12.75 -6.81 0.54
C PHE A 98 -12.40 -6.46 -0.92
N GLY A 99 -12.55 -7.42 -1.81
CA GLY A 99 -12.59 -7.19 -3.27
C GLY A 99 -13.84 -6.44 -3.67
N ALA A 100 -13.81 -5.70 -4.79
CA ALA A 100 -14.99 -5.02 -5.37
C ALA A 100 -15.90 -6.07 -6.01
N GLY A 101 -15.38 -7.28 -6.26
CA GLY A 101 -16.17 -8.51 -6.48
C GLY A 101 -16.31 -8.85 -7.96
N THR A 102 -16.50 -10.14 -8.25
CA THR A 102 -16.68 -10.71 -9.62
C THR A 102 -18.10 -11.27 -9.76
N LYS A 103 -18.91 -10.66 -10.63
CA LYS A 103 -20.30 -11.09 -10.91
C LYS A 103 -20.28 -12.18 -12.00
N LEU A 104 -20.84 -13.35 -11.67
CA LEU A 104 -21.02 -14.49 -12.60
C LEU A 104 -22.46 -14.46 -13.12
N GLU A 105 -22.63 -14.56 -14.44
CA GLU A 105 -23.95 -14.49 -15.13
C GLU A 105 -23.94 -15.52 -16.27
N LEU A 106 -25.12 -16.02 -16.68
CA LEU A 106 -25.25 -17.12 -17.66
C LEU A 106 -25.00 -16.62 -19.09
N ARG A 107 -24.35 -17.45 -19.90
CA ARG A 107 -24.16 -17.27 -21.36
C ARG A 107 -25.39 -17.82 -22.10
N ARG A 108 -25.69 -17.23 -23.26
CA ARG A 108 -26.81 -17.64 -24.14
C ARG A 108 -26.70 -16.87 -25.46
N ALA A 109 -27.23 -17.44 -26.55
CA ALA A 109 -27.40 -16.74 -27.85
C ALA A 109 -28.10 -15.41 -27.57
N ASP A 110 -27.76 -14.37 -28.33
CA ASP A 110 -28.21 -12.97 -28.08
C ASP A 110 -29.74 -12.87 -28.25
N ALA A 111 -30.32 -11.73 -27.87
CA ALA A 111 -31.77 -11.44 -27.98
C ALA A 111 -32.00 -9.92 -28.05
N ALA A 112 -32.53 -9.44 -29.18
CA ALA A 112 -32.98 -8.04 -29.37
C ALA A 112 -34.14 -7.77 -28.41
N PRO A 113 -34.28 -6.53 -27.89
CA PRO A 113 -35.26 -6.27 -26.84
C PRO A 113 -36.67 -6.15 -27.44
N THR A 114 -37.70 -6.46 -26.64
CA THR A 114 -39.11 -6.15 -26.93
C THR A 114 -39.40 -4.75 -26.35
N VAL A 115 -39.68 -3.77 -27.22
CA VAL A 115 -39.90 -2.35 -26.83
C VAL A 115 -41.39 -2.05 -26.88
N SER A 116 -42.00 -1.86 -25.72
CA SER A 116 -43.36 -1.29 -25.53
C SER A 116 -43.19 0.19 -25.17
N ILE A 117 -44.18 1.02 -25.48
CA ILE A 117 -44.22 2.45 -25.06
C ILE A 117 -45.62 2.75 -24.51
N PHE A 118 -45.69 3.62 -23.49
CA PHE A 118 -46.94 4.01 -22.81
C PHE A 118 -46.96 5.53 -22.63
N PRO A 119 -48.16 6.14 -22.64
CA PRO A 119 -48.31 7.58 -22.41
C PRO A 119 -48.59 7.80 -20.93
N PRO A 120 -48.92 9.05 -20.52
CA PRO A 120 -49.59 9.29 -19.25
C PRO A 120 -51.04 8.77 -19.26
N SER A 121 -51.53 8.32 -18.11
CA SER A 121 -52.95 7.98 -17.85
C SER A 121 -53.76 9.27 -17.70
N SER A 122 -55.07 9.20 -17.97
CA SER A 122 -56.06 10.25 -17.59
C SER A 122 -55.98 10.50 -16.08
N GLU A 123 -55.71 9.44 -15.30
CA GLU A 123 -55.53 9.46 -13.83
C GLU A 123 -54.43 10.46 -13.44
N GLN A 124 -53.27 10.37 -14.11
CA GLN A 124 -52.05 11.18 -13.80
C GLN A 124 -52.22 12.61 -14.30
N LEU A 125 -53.08 12.82 -15.32
CA LEU A 125 -53.21 14.12 -16.05
C LEU A 125 -54.01 15.12 -15.21
N THR A 126 -55.09 14.70 -14.55
CA THR A 126 -55.86 15.55 -13.60
C THR A 126 -55.03 15.78 -12.32
N SER A 127 -54.10 14.87 -12.02
CA SER A 127 -53.13 14.94 -10.90
C SER A 127 -52.25 16.20 -11.04
N GLY A 128 -52.08 16.69 -12.28
CA GLY A 128 -51.20 17.83 -12.61
C GLY A 128 -49.82 17.34 -13.04
N GLY A 129 -49.76 16.17 -13.65
CA GLY A 129 -48.52 15.50 -14.10
C GLY A 129 -48.73 14.70 -15.36
N ALA A 130 -47.65 14.12 -15.90
CA ALA A 130 -47.64 13.35 -17.17
C ALA A 130 -46.31 12.61 -17.30
N SER A 131 -46.31 11.27 -17.19
CA SER A 131 -45.10 10.42 -17.25
C SER A 131 -45.22 9.42 -18.40
N VAL A 132 -44.30 9.53 -19.37
CA VAL A 132 -44.18 8.62 -20.55
C VAL A 132 -43.25 7.48 -20.16
N VAL A 133 -43.76 6.24 -20.15
CA VAL A 133 -42.98 5.01 -19.83
C VAL A 133 -42.63 4.32 -21.15
N CYS A 134 -41.54 3.54 -21.13
CA CYS A 134 -41.09 2.70 -22.26
C CYS A 134 -40.30 1.50 -21.71
N PHE A 135 -40.77 0.29 -22.02
CA PHE A 135 -40.16 -0.99 -21.58
C PHE A 135 -39.27 -1.55 -22.69
N LEU A 136 -38.04 -1.92 -22.32
CA LEU A 136 -37.10 -2.74 -23.13
C LEU A 136 -37.01 -4.10 -22.43
N ASN A 137 -37.61 -5.15 -23.02
CA ASN A 137 -37.90 -6.44 -22.31
C ASN A 137 -37.17 -7.62 -22.99
N ASN A 138 -36.52 -8.45 -22.17
CA ASN A 138 -36.07 -9.82 -22.52
C ASN A 138 -34.96 -9.75 -23.59
N PHE A 139 -33.81 -9.18 -23.23
CA PHE A 139 -32.64 -8.97 -24.12
C PHE A 139 -31.37 -9.51 -23.47
N TYR A 140 -30.33 -9.77 -24.28
CA TYR A 140 -28.99 -10.26 -23.87
C TYR A 140 -27.97 -9.89 -24.95
N PRO A 141 -26.70 -9.53 -24.63
CA PRO A 141 -26.22 -9.24 -23.27
C PRO A 141 -26.85 -8.04 -22.56
N LYS A 142 -26.36 -7.77 -21.33
CA LYS A 142 -26.83 -6.69 -20.42
C LYS A 142 -26.74 -5.32 -21.12
N ASP A 143 -25.74 -5.12 -21.96
CA ASP A 143 -25.44 -3.83 -22.64
C ASP A 143 -26.68 -3.31 -23.39
N ILE A 144 -27.27 -2.21 -22.91
CA ILE A 144 -28.33 -1.46 -23.66
C ILE A 144 -28.29 0.02 -23.25
N ASN A 145 -28.44 0.92 -24.24
CA ASN A 145 -28.47 2.40 -24.09
C ASN A 145 -29.87 2.90 -24.48
N VAL A 146 -30.41 3.84 -23.69
CA VAL A 146 -31.79 4.41 -23.87
C VAL A 146 -31.68 5.92 -24.08
N LYS A 147 -32.49 6.45 -24.99
CA LYS A 147 -32.51 7.88 -25.39
C LYS A 147 -33.96 8.27 -25.71
N TRP A 148 -34.55 9.18 -24.94
CA TRP A 148 -35.91 9.72 -25.14
C TRP A 148 -35.86 10.86 -26.17
N LYS A 149 -36.92 11.00 -26.97
CA LYS A 149 -37.10 12.13 -27.94
C LYS A 149 -38.53 12.67 -27.84
N ILE A 150 -38.68 13.99 -27.91
CA ILE A 150 -39.98 14.72 -27.98
C ILE A 150 -40.00 15.54 -29.27
N ASP A 151 -40.60 15.00 -30.33
CA ASP A 151 -40.68 15.61 -31.69
C ASP A 151 -39.27 15.66 -32.29
N GLY A 152 -38.61 14.50 -32.42
CA GLY A 152 -37.28 14.38 -33.04
C GLY A 152 -36.16 14.78 -32.10
N SER A 153 -36.35 15.87 -31.33
CA SER A 153 -35.36 16.44 -30.38
C SER A 153 -35.10 15.46 -29.24
N GLU A 154 -33.86 15.44 -28.73
CA GLU A 154 -33.41 14.60 -27.59
C GLU A 154 -33.94 15.18 -26.28
N ARG A 155 -34.04 14.35 -25.23
CA ARG A 155 -34.48 14.77 -23.87
C ARG A 155 -33.74 13.93 -22.82
N GLN A 156 -33.01 14.58 -21.91
CA GLN A 156 -32.15 13.93 -20.88
C GLN A 156 -32.79 14.05 -19.49
N ASN A 157 -33.22 15.26 -19.11
CA ASN A 157 -33.67 15.60 -17.73
C ASN A 157 -35.11 15.12 -17.51
N GLY A 158 -35.45 14.84 -16.24
CA GLY A 158 -36.76 14.30 -15.82
C GLY A 158 -36.93 12.86 -16.27
N VAL A 159 -35.82 12.12 -16.37
CA VAL A 159 -35.77 10.70 -16.84
C VAL A 159 -35.03 9.88 -15.77
N LEU A 160 -35.63 8.80 -15.28
CA LEU A 160 -34.95 7.84 -14.36
C LEU A 160 -35.47 6.41 -14.57
N ASN A 161 -34.51 5.50 -14.72
CA ASN A 161 -34.67 4.13 -15.31
C ASN A 161 -34.28 3.08 -14.28
N SER A 162 -34.83 1.87 -14.42
CA SER A 162 -34.55 0.68 -13.57
C SER A 162 -34.20 -0.51 -14.47
N TRP A 163 -33.31 -1.38 -13.99
CA TRP A 163 -32.84 -2.60 -14.69
C TRP A 163 -33.19 -3.83 -13.84
N THR A 164 -33.72 -4.88 -14.49
CA THR A 164 -33.83 -6.23 -13.89
C THR A 164 -32.43 -6.84 -13.85
N ASP A 165 -32.12 -7.62 -12.81
CA ASP A 165 -30.94 -8.52 -12.79
C ASP A 165 -31.31 -9.76 -13.61
N GLN A 166 -30.33 -10.44 -14.19
CA GLN A 166 -30.53 -11.58 -15.12
C GLN A 166 -31.68 -12.45 -14.62
N ASP A 167 -32.64 -12.79 -15.50
CA ASP A 167 -33.79 -13.66 -15.17
C ASP A 167 -33.28 -15.06 -14.83
N SER A 168 -34.10 -15.87 -14.17
CA SER A 168 -33.80 -17.27 -13.78
C SER A 168 -34.19 -18.22 -14.91
N LYS A 169 -35.31 -17.94 -15.59
CA LYS A 169 -36.03 -18.87 -16.49
C LYS A 169 -35.31 -18.94 -17.84
N ASP A 170 -35.09 -17.79 -18.47
CA ASP A 170 -34.48 -17.64 -19.81
C ASP A 170 -33.10 -16.97 -19.71
N SER A 171 -32.82 -16.30 -18.58
CA SER A 171 -31.57 -15.55 -18.31
C SER A 171 -31.44 -14.40 -19.32
N THR A 172 -32.52 -13.63 -19.49
CA THR A 172 -32.54 -12.33 -20.20
C THR A 172 -32.50 -11.19 -19.18
N TYR A 173 -32.15 -10.00 -19.63
CA TYR A 173 -32.24 -8.72 -18.88
C TYR A 173 -33.45 -7.94 -19.41
N SER A 174 -33.96 -7.02 -18.60
CA SER A 174 -35.07 -6.10 -18.93
C SER A 174 -34.81 -4.75 -18.29
N MET A 175 -35.24 -3.69 -18.96
CA MET A 175 -35.01 -2.27 -18.56
C MET A 175 -36.32 -1.50 -18.68
N SER A 176 -36.56 -0.57 -17.76
CA SER A 176 -37.70 0.37 -17.80
C SER A 176 -37.17 1.80 -17.70
N SER A 177 -37.92 2.75 -18.25
CA SER A 177 -37.50 4.16 -18.45
C SER A 177 -38.72 5.07 -18.36
N THR A 178 -38.76 5.92 -17.33
CA THR A 178 -39.88 6.86 -17.04
C THR A 178 -39.45 8.28 -17.39
N LEU A 179 -40.05 8.86 -18.43
CA LEU A 179 -39.91 10.31 -18.78
C LEU A 179 -41.00 11.08 -18.04
N THR A 180 -40.62 11.79 -16.98
CA THR A 180 -41.53 12.56 -16.08
C THR A 180 -41.47 14.05 -16.44
N LEU A 181 -42.52 14.56 -17.08
CA LEU A 181 -42.64 15.99 -17.49
C LEU A 181 -43.78 16.65 -16.73
N THR A 182 -43.64 17.95 -16.46
CA THR A 182 -44.76 18.89 -16.14
C THR A 182 -45.83 18.74 -17.22
N LYS A 183 -47.09 18.53 -16.82
CA LYS A 183 -48.23 18.33 -17.76
C LYS A 183 -48.32 19.52 -18.72
N ASP A 184 -48.01 20.72 -18.22
CA ASP A 184 -47.92 21.98 -19.01
C ASP A 184 -47.13 21.69 -20.30
N GLU A 185 -45.86 21.28 -20.18
CA GLU A 185 -44.95 21.05 -21.33
C GLU A 185 -45.39 19.81 -22.11
N TYR A 186 -45.98 18.81 -21.45
CA TYR A 186 -46.38 17.52 -22.06
C TYR A 186 -47.33 17.75 -23.24
N GLU A 187 -48.42 18.49 -23.01
CA GLU A 187 -49.50 18.72 -24.02
C GLU A 187 -49.26 20.07 -24.72
N ARG A 188 -47.99 20.48 -24.86
CA ARG A 188 -47.51 21.46 -25.88
C ARG A 188 -46.93 20.68 -27.06
N HIS A 189 -46.11 19.66 -26.77
CA HIS A 189 -45.39 18.82 -27.76
C HIS A 189 -46.24 17.58 -28.08
N ASN A 190 -46.22 17.12 -29.34
CA ASN A 190 -47.14 16.10 -29.91
C ASN A 190 -46.48 14.70 -29.87
N SER A 191 -45.36 14.53 -30.58
CA SER A 191 -44.64 13.23 -30.76
C SER A 191 -43.80 12.92 -29.51
N TYR A 192 -43.56 11.62 -29.28
CA TYR A 192 -42.79 11.07 -28.13
C TYR A 192 -42.16 9.74 -28.56
N THR A 193 -40.83 9.63 -28.51
CA THR A 193 -40.05 8.53 -29.12
C THR A 193 -39.07 7.93 -28.11
N CYS A 194 -38.86 6.61 -28.19
CA CYS A 194 -38.03 5.79 -27.27
C CYS A 194 -36.96 5.04 -28.06
N GLU A 195 -35.75 5.61 -28.17
CA GLU A 195 -34.64 5.08 -28.99
C GLU A 195 -33.76 4.18 -28.12
N ALA A 196 -33.43 2.97 -28.61
CA ALA A 196 -32.72 1.90 -27.88
C ALA A 196 -31.51 1.39 -28.70
N THR A 197 -30.33 1.33 -28.07
CA THR A 197 -29.05 0.86 -28.67
C THR A 197 -28.67 -0.51 -28.07
N HIS A 198 -28.76 -1.58 -28.87
CA HIS A 198 -28.38 -2.97 -28.48
C HIS A 198 -27.44 -3.54 -29.54
N LYS A 199 -26.77 -4.66 -29.23
CA LYS A 199 -25.73 -5.28 -30.11
C LYS A 199 -26.37 -6.20 -31.16
N THR A 200 -27.68 -6.04 -31.42
CA THR A 200 -28.42 -6.77 -32.50
C THR A 200 -28.45 -5.88 -33.74
N SER A 201 -29.25 -4.82 -33.72
CA SER A 201 -29.31 -3.77 -34.77
C SER A 201 -28.09 -2.85 -34.62
N THR A 202 -27.54 -2.36 -35.74
CA THR A 202 -26.51 -1.28 -35.78
C THR A 202 -27.23 0.07 -35.63
N SER A 203 -28.34 0.24 -36.35
CA SER A 203 -29.28 1.39 -36.21
C SER A 203 -30.39 1.01 -35.23
N PRO A 204 -30.80 1.92 -34.32
CA PRO A 204 -31.51 1.54 -33.10
C PRO A 204 -32.95 1.01 -33.25
N ILE A 205 -33.53 0.59 -32.13
CA ILE A 205 -34.93 0.05 -32.01
C ILE A 205 -35.79 1.15 -31.37
N VAL A 206 -36.96 1.45 -31.95
CA VAL A 206 -37.74 2.69 -31.68
C VAL A 206 -39.25 2.40 -31.61
N LYS A 207 -39.94 3.05 -30.67
CA LYS A 207 -41.42 3.16 -30.59
C LYS A 207 -41.79 4.65 -30.44
N SER A 208 -42.98 5.05 -30.90
CA SER A 208 -43.48 6.45 -30.86
C SER A 208 -45.02 6.51 -30.81
N PHE A 209 -45.56 7.68 -30.48
CA PHE A 209 -47.03 7.97 -30.48
C PHE A 209 -47.26 9.49 -30.61
N ASN A 210 -48.49 9.89 -30.98
CA ASN A 210 -48.87 11.28 -31.32
C ASN A 210 -50.28 11.60 -30.82
N ARG A 211 -50.46 11.72 -29.49
CA ARG A 211 -51.71 12.16 -28.80
C ARG A 211 -52.88 12.22 -29.79
N GLN B 1 -29.19 -24.05 16.26
CA GLN B 1 -28.06 -23.43 15.48
C GLN B 1 -27.72 -22.06 16.09
N ILE B 2 -26.54 -21.52 15.75
CA ILE B 2 -26.11 -20.13 16.08
C ILE B 2 -26.85 -19.18 15.13
N GLN B 3 -27.41 -18.08 15.66
CA GLN B 3 -28.17 -17.07 14.87
C GLN B 3 -27.81 -15.66 15.32
N LEU B 4 -27.85 -14.70 14.38
CA LEU B 4 -27.74 -13.25 14.63
C LEU B 4 -28.97 -12.55 14.03
N GLN B 5 -29.81 -11.98 14.90
CA GLN B 5 -31.01 -11.20 14.53
C GLN B 5 -30.67 -9.71 14.69
N GLN B 6 -30.71 -8.94 13.60
CA GLN B 6 -30.51 -7.47 13.60
C GLN B 6 -31.88 -6.78 13.53
N SER B 7 -32.09 -5.72 14.32
CA SER B 7 -33.29 -4.85 14.25
C SER B 7 -33.49 -4.40 12.80
N GLY B 8 -34.74 -4.48 12.30
CA GLY B 8 -35.10 -4.26 10.89
C GLY B 8 -35.10 -2.78 10.50
N PRO B 9 -35.16 -2.48 9.18
CA PRO B 9 -34.99 -1.11 8.66
C PRO B 9 -35.57 0.06 9.46
N GLU B 10 -34.71 1.02 9.83
CA GLU B 10 -35.07 2.32 10.45
C GLU B 10 -35.43 3.29 9.33
N LEU B 11 -36.36 4.22 9.58
CA LEU B 11 -36.58 5.40 8.70
C LEU B 11 -35.85 6.59 9.33
N VAL B 12 -34.90 7.16 8.58
CA VAL B 12 -33.90 8.14 9.10
C VAL B 12 -33.90 9.38 8.19
N LYS B 13 -33.63 10.55 8.78
CA LYS B 13 -33.65 11.86 8.08
C LYS B 13 -32.29 12.53 8.26
N PRO B 14 -31.74 13.16 7.19
CA PRO B 14 -30.40 13.74 7.21
C PRO B 14 -29.92 14.37 8.53
N GLY B 15 -28.75 13.93 9.02
CA GLY B 15 -28.08 14.51 10.20
C GLY B 15 -28.42 13.79 11.49
N ALA B 16 -29.54 13.06 11.53
CA ALA B 16 -30.00 12.28 12.70
C ALA B 16 -29.05 11.11 12.96
N SER B 17 -29.06 10.59 14.19
CA SER B 17 -28.27 9.40 14.63
C SER B 17 -29.12 8.14 14.48
N VAL B 18 -28.55 6.97 14.79
CA VAL B 18 -29.20 5.63 14.72
C VAL B 18 -28.58 4.73 15.80
N LYS B 19 -29.24 3.60 16.12
CA LYS B 19 -28.73 2.53 17.01
C LYS B 19 -29.20 1.17 16.47
N ILE B 20 -28.56 0.66 15.41
CA ILE B 20 -28.86 -0.68 14.81
C ILE B 20 -28.45 -1.77 15.80
N SER B 21 -29.34 -2.74 16.03
CA SER B 21 -29.21 -3.83 17.02
C SER B 21 -28.62 -5.08 16.36
N CYS B 22 -28.37 -6.12 17.17
CA CYS B 22 -27.88 -7.44 16.74
C CYS B 22 -28.02 -8.44 17.90
N LYS B 23 -29.23 -8.98 18.09
CA LYS B 23 -29.52 -10.07 19.05
C LYS B 23 -28.67 -11.27 18.63
N ALA B 24 -27.94 -11.88 19.57
CA ALA B 24 -27.08 -13.06 19.36
C ALA B 24 -27.63 -14.24 20.15
N SER B 25 -27.95 -15.35 19.47
CA SER B 25 -28.61 -16.55 20.07
C SER B 25 -27.96 -17.83 19.54
N GLY B 26 -27.81 -18.85 20.41
CA GLY B 26 -27.26 -20.17 20.10
C GLY B 26 -25.98 -20.45 20.87
N TYR B 27 -25.11 -19.44 20.98
CA TYR B 27 -23.76 -19.52 21.59
C TYR B 27 -23.70 -18.59 22.80
N THR B 28 -22.76 -18.81 23.73
CA THR B 28 -22.58 -17.96 24.94
C THR B 28 -21.81 -16.70 24.52
N PHE B 29 -22.43 -15.53 24.72
CA PHE B 29 -22.19 -14.25 24.00
C PHE B 29 -20.79 -13.67 24.26
N THR B 30 -20.29 -13.81 25.49
CA THR B 30 -19.17 -13.01 26.05
C THR B 30 -17.80 -13.55 25.59
N ASP B 31 -17.76 -14.47 24.61
CA ASP B 31 -16.57 -15.32 24.30
C ASP B 31 -16.05 -15.09 22.87
N PHE B 32 -16.82 -14.45 21.99
CA PHE B 32 -16.52 -14.40 20.53
C PHE B 32 -16.47 -12.94 20.04
N TYR B 33 -15.53 -12.67 19.13
CA TYR B 33 -15.34 -11.36 18.44
C TYR B 33 -16.49 -11.15 17.45
N ILE B 34 -17.11 -9.97 17.47
CA ILE B 34 -18.25 -9.59 16.60
C ILE B 34 -17.86 -8.35 15.78
N ASN B 35 -17.82 -8.49 14.45
CA ASN B 35 -17.49 -7.42 13.47
C ASN B 35 -18.77 -6.67 13.10
N TRP B 36 -18.64 -5.59 12.34
CA TRP B 36 -19.76 -4.83 11.69
C TRP B 36 -19.29 -4.40 10.29
N MET B 37 -20.07 -4.70 9.25
CA MET B 37 -19.73 -4.36 7.84
C MET B 37 -20.66 -3.26 7.33
N LYS B 38 -20.41 -2.82 6.09
CA LYS B 38 -21.30 -1.92 5.29
C LYS B 38 -21.31 -2.45 3.86
N GLN B 39 -22.38 -2.20 3.10
CA GLN B 39 -22.45 -2.58 1.66
C GLN B 39 -23.46 -1.69 0.93
N ARG B 40 -23.12 -1.34 -0.32
CA ARG B 40 -23.88 -0.44 -1.21
C ARG B 40 -24.34 -1.23 -2.43
N PRO B 41 -25.65 -1.21 -2.78
CA PRO B 41 -26.21 -2.18 -3.72
C PRO B 41 -25.55 -2.08 -5.11
N GLY B 42 -24.53 -2.91 -5.36
CA GLY B 42 -23.70 -2.91 -6.58
C GLY B 42 -22.21 -2.92 -6.30
N GLN B 43 -21.79 -2.71 -5.04
CA GLN B 43 -20.36 -2.62 -4.62
C GLN B 43 -19.99 -3.84 -3.76
N GLY B 44 -18.75 -3.84 -3.24
CA GLY B 44 -18.24 -4.82 -2.26
C GLY B 44 -18.23 -4.23 -0.86
N LEU B 45 -18.06 -5.09 0.15
CA LEU B 45 -18.29 -4.74 1.59
C LEU B 45 -17.18 -3.80 2.07
N GLU B 46 -17.33 -3.23 3.27
CA GLU B 46 -16.36 -2.31 3.93
C GLU B 46 -16.42 -2.52 5.44
N TRP B 47 -15.31 -2.96 6.05
CA TRP B 47 -15.21 -3.33 7.49
C TRP B 47 -15.23 -2.07 8.35
N ILE B 48 -16.06 -2.04 9.40
CA ILE B 48 -16.30 -0.87 10.28
C ILE B 48 -15.49 -1.02 11.57
N GLY B 49 -15.54 -2.20 12.20
CA GLY B 49 -14.84 -2.46 13.48
C GLY B 49 -15.22 -3.80 14.07
N TRP B 50 -14.40 -4.30 15.01
CA TRP B 50 -14.71 -5.47 15.88
C TRP B 50 -15.01 -4.97 17.30
N ILE B 51 -15.76 -5.78 18.06
CA ILE B 51 -15.93 -5.63 19.53
C ILE B 51 -15.97 -7.03 20.16
N PHE B 52 -15.38 -7.18 21.35
CA PHE B 52 -15.42 -8.43 22.17
C PHE B 52 -16.31 -8.17 23.38
N PRO B 53 -17.57 -8.70 23.41
CA PRO B 53 -18.51 -8.45 24.50
C PRO B 53 -18.05 -8.70 25.94
N GLY B 54 -17.22 -9.73 26.16
CA GLY B 54 -16.72 -10.13 27.49
C GLY B 54 -15.88 -9.05 28.15
N SER B 55 -15.34 -8.11 27.36
CA SER B 55 -14.55 -6.94 27.80
C SER B 55 -15.29 -5.63 27.49
N GLY B 56 -15.77 -5.49 26.25
CA GLY B 56 -16.32 -4.24 25.70
C GLY B 56 -15.30 -3.54 24.81
N ASN B 57 -14.07 -4.06 24.77
CA ASN B 57 -12.90 -3.49 24.05
C ASN B 57 -13.14 -3.58 22.54
N THR B 58 -12.78 -2.52 21.80
CA THR B 58 -13.08 -2.32 20.35
C THR B 58 -11.84 -1.90 19.56
N HIS B 59 -11.97 -1.96 18.23
CA HIS B 59 -11.13 -1.25 17.23
C HIS B 59 -12.00 -0.98 15.99
N TYR B 60 -11.69 0.08 15.24
CA TYR B 60 -12.47 0.55 14.06
C TYR B 60 -11.54 0.83 12.88
N ASN B 61 -12.11 0.78 11.66
CA ASN B 61 -11.49 1.33 10.43
C ASN B 61 -11.46 2.86 10.55
N GLU B 62 -10.37 3.51 10.11
CA GLU B 62 -10.16 4.98 10.19
C GLU B 62 -11.38 5.73 9.65
N LYS B 63 -11.82 5.37 8.43
CA LYS B 63 -12.93 6.00 7.67
C LYS B 63 -14.16 6.21 8.57
N PHE B 64 -14.47 5.21 9.40
CA PHE B 64 -15.75 5.07 10.14
C PHE B 64 -15.66 5.65 11.57
N LYS B 65 -14.44 5.75 12.12
CA LYS B 65 -14.21 6.13 13.55
C LYS B 65 -14.99 7.40 13.89
N GLY B 66 -14.79 8.47 13.13
CA GLY B 66 -15.45 9.77 13.30
C GLY B 66 -16.96 9.64 13.51
N LYS B 67 -17.60 8.66 12.88
CA LYS B 67 -19.07 8.60 12.72
C LYS B 67 -19.64 7.20 13.05
N ALA B 68 -18.97 6.41 13.88
CA ALA B 68 -19.44 5.04 14.27
C ALA B 68 -18.84 4.59 15.61
N THR B 69 -19.71 4.36 16.60
CA THR B 69 -19.41 3.68 17.89
C THR B 69 -19.85 2.21 17.80
N LEU B 70 -19.47 1.41 18.79
CA LEU B 70 -20.04 0.07 19.07
C LEU B 70 -20.21 -0.08 20.58
N ILE B 71 -21.24 -0.80 21.03
CA ILE B 71 -21.60 -0.95 22.47
C ILE B 71 -22.35 -2.28 22.65
N VAL B 72 -22.22 -2.89 23.83
CA VAL B 72 -22.63 -4.29 24.14
C VAL B 72 -23.42 -4.31 25.46
N ASP B 73 -24.50 -5.10 25.52
CA ASP B 73 -25.24 -5.41 26.78
C ASP B 73 -25.10 -6.90 27.09
N THR B 74 -24.56 -7.23 28.27
CA THR B 74 -24.26 -8.59 28.76
C THR B 74 -25.56 -9.38 28.95
N SER B 75 -26.44 -8.87 29.83
CA SER B 75 -27.70 -9.52 30.30
C SER B 75 -28.57 -9.89 29.10
N SER B 76 -28.84 -8.91 28.22
CA SER B 76 -29.75 -9.03 27.06
C SER B 76 -29.15 -9.91 25.97
N SER B 77 -27.81 -9.93 25.85
CA SER B 77 -27.05 -10.67 24.83
C SER B 77 -27.30 -10.06 23.44
N THR B 78 -27.12 -8.75 23.35
CA THR B 78 -27.41 -7.93 22.13
C THR B 78 -26.30 -6.91 21.93
N ALA B 79 -25.91 -6.67 20.68
CA ALA B 79 -24.84 -5.73 20.26
C ALA B 79 -25.44 -4.59 19.44
N PHE B 80 -24.91 -3.38 19.60
CA PHE B 80 -25.38 -2.13 18.94
C PHE B 80 -24.24 -1.50 18.14
N MET B 81 -24.61 -0.77 17.07
CA MET B 81 -23.69 0.08 16.28
C MET B 81 -24.33 1.47 16.12
N GLN B 82 -23.93 2.42 16.98
CA GLN B 82 -24.49 3.79 17.04
C GLN B 82 -23.81 4.67 15.97
N LEU B 83 -24.54 5.06 14.92
CA LEU B 83 -24.08 5.99 13.83
C LEU B 83 -24.66 7.39 14.07
N ASN B 84 -24.09 8.42 13.43
CA ASN B 84 -24.49 9.84 13.65
C ASN B 84 -24.17 10.72 12.42
N SER B 85 -24.71 11.95 12.43
CA SER B 85 -24.64 12.99 11.37
C SER B 85 -24.86 12.35 9.98
N LEU B 86 -25.80 11.41 9.90
CA LEU B 86 -26.03 10.54 8.70
C LEU B 86 -26.39 11.41 7.50
N THR B 87 -25.98 10.97 6.30
CA THR B 87 -26.30 11.63 4.99
C THR B 87 -26.36 10.53 3.92
N SER B 88 -26.89 10.86 2.73
CA SER B 88 -27.11 9.96 1.57
C SER B 88 -25.98 8.93 1.41
N GLU B 89 -24.79 9.21 1.98
CA GLU B 89 -23.57 8.37 1.81
C GLU B 89 -23.62 7.12 2.71
N ASP B 90 -24.51 7.08 3.70
CA ASP B 90 -24.69 5.94 4.63
C ASP B 90 -25.90 5.11 4.20
N SER B 91 -26.54 5.51 3.09
CA SER B 91 -27.59 4.73 2.39
C SER B 91 -26.98 3.40 1.90
N ALA B 92 -27.01 2.40 2.78
CA ALA B 92 -26.32 1.10 2.62
C ALA B 92 -26.98 0.02 3.48
N VAL B 93 -26.48 -1.21 3.41
CA VAL B 93 -26.87 -2.37 4.28
C VAL B 93 -25.76 -2.56 5.34
N TYR B 94 -26.08 -3.14 6.49
CA TYR B 94 -25.15 -3.30 7.64
C TYR B 94 -25.32 -4.69 8.28
N PHE B 95 -24.20 -5.42 8.45
CA PHE B 95 -24.15 -6.80 9.00
C PHE B 95 -23.25 -6.85 10.23
N CYS B 96 -23.74 -7.40 11.35
CA CYS B 96 -22.92 -7.94 12.47
C CYS B 96 -22.56 -9.39 12.12
N THR B 97 -21.28 -9.74 12.16
CA THR B 97 -20.76 -11.05 11.69
C THR B 97 -19.61 -11.52 12.61
N ARG B 98 -19.72 -12.74 13.17
CA ARG B 98 -18.58 -13.48 13.77
C ARG B 98 -17.63 -13.88 12.63
N PRO B 99 -16.34 -13.49 12.69
CA PRO B 99 -15.47 -13.65 11.54
C PRO B 99 -15.08 -15.13 11.36
N VAL B 100 -14.65 -15.50 10.16
CA VAL B 100 -14.05 -16.84 9.84
C VAL B 100 -12.99 -17.18 10.90
N SER B 101 -12.88 -18.47 11.27
CA SER B 101 -11.87 -19.01 12.23
C SER B 101 -11.43 -20.42 11.81
N TYR B 102 -10.10 -20.65 11.76
CA TYR B 102 -9.46 -21.95 11.43
C TYR B 102 -10.12 -23.09 12.21
N TYR B 103 -10.24 -22.91 13.53
CA TYR B 103 -10.58 -23.98 14.52
C TYR B 103 -12.08 -24.24 14.54
N TYR B 104 -12.87 -23.46 13.80
CA TYR B 104 -14.36 -23.60 13.69
C TYR B 104 -14.75 -23.95 12.25
N ASP B 105 -15.84 -24.69 12.11
CA ASP B 105 -16.36 -25.15 10.79
C ASP B 105 -16.80 -23.94 9.97
N PHE B 106 -17.40 -22.93 10.63
CA PHE B 106 -18.21 -21.86 9.97
C PHE B 106 -17.91 -20.48 10.56
N ASP B 107 -18.16 -19.45 9.74
CA ASP B 107 -18.37 -18.04 10.16
C ASP B 107 -19.88 -17.80 10.23
N TYR B 108 -20.30 -16.68 10.82
CA TYR B 108 -21.73 -16.41 11.20
C TYR B 108 -22.06 -14.93 10.96
N TRP B 109 -22.85 -14.65 9.92
CA TRP B 109 -23.32 -13.30 9.53
C TRP B 109 -24.65 -12.97 10.23
N GLY B 110 -25.04 -11.71 10.22
CA GLY B 110 -26.42 -11.26 10.47
C GLY B 110 -27.31 -11.61 9.30
N GLN B 111 -28.25 -10.72 8.94
CA GLN B 111 -29.09 -10.85 7.72
C GLN B 111 -29.33 -9.48 7.07
N GLY B 112 -28.71 -8.42 7.60
CA GLY B 112 -28.61 -7.10 6.95
C GLY B 112 -29.73 -6.16 7.35
N THR B 113 -29.38 -5.07 8.04
CA THR B 113 -30.27 -3.92 8.36
C THR B 113 -30.18 -2.88 7.24
N THR B 114 -31.22 -2.72 6.42
CA THR B 114 -31.27 -1.75 5.30
C THR B 114 -31.54 -0.35 5.88
N LEU B 115 -30.60 0.57 5.64
CA LEU B 115 -30.66 1.98 6.13
C LEU B 115 -30.75 2.90 4.91
N THR B 116 -31.85 3.66 4.79
CA THR B 116 -32.03 4.75 3.79
C THR B 116 -32.09 6.09 4.53
N VAL B 117 -31.40 7.09 4.01
CA VAL B 117 -31.46 8.50 4.48
C VAL B 117 -32.14 9.33 3.38
N SER B 118 -33.16 10.10 3.75
CA SER B 118 -33.87 11.08 2.87
C SER B 118 -34.95 11.82 3.67
N SER B 119 -35.04 13.14 3.48
CA SER B 119 -35.81 14.11 4.30
C SER B 119 -37.30 13.75 4.32
N ALA B 120 -37.84 13.30 3.19
CA ALA B 120 -39.28 13.00 2.97
C ALA B 120 -39.84 12.19 4.15
N LYS B 121 -41.12 12.41 4.48
CA LYS B 121 -41.89 11.63 5.48
C LYS B 121 -42.84 10.69 4.74
N THR B 122 -43.39 9.70 5.44
CA THR B 122 -44.32 8.67 4.89
C THR B 122 -45.26 9.34 3.87
N THR B 123 -45.40 8.71 2.69
CA THR B 123 -46.06 9.31 1.50
C THR B 123 -46.68 8.20 0.65
N ALA B 124 -48.02 8.18 0.54
CA ALA B 124 -48.78 7.17 -0.21
C ALA B 124 -48.36 7.19 -1.67
N PRO B 125 -48.47 6.06 -2.41
CA PRO B 125 -48.10 6.03 -3.82
C PRO B 125 -49.16 6.74 -4.67
N SER B 126 -49.00 6.67 -6.00
CA SER B 126 -49.97 7.18 -6.99
C SER B 126 -49.94 6.25 -8.21
N VAL B 127 -50.81 5.24 -8.21
CA VAL B 127 -50.87 4.19 -9.27
C VAL B 127 -51.49 4.80 -10.52
N TYR B 128 -50.97 4.45 -11.69
CA TYR B 128 -51.42 4.97 -13.00
C TYR B 128 -51.37 3.83 -14.01
N PRO B 129 -52.51 3.43 -14.62
CA PRO B 129 -52.50 2.44 -15.69
C PRO B 129 -51.63 2.85 -16.90
N LEU B 130 -51.16 1.86 -17.65
CA LEU B 130 -50.37 2.02 -18.90
C LEU B 130 -50.93 1.08 -19.96
N ALA B 131 -51.94 1.53 -20.71
CA ALA B 131 -52.54 0.77 -21.83
C ALA B 131 -51.91 1.23 -23.15
N PRO B 132 -51.77 0.34 -24.16
CA PRO B 132 -51.11 0.70 -25.42
C PRO B 132 -51.76 1.92 -26.09
N VAL B 133 -51.03 3.05 -26.14
CA VAL B 133 -51.47 4.31 -26.82
C VAL B 133 -52.29 3.95 -28.06
N CYS B 134 -51.63 3.29 -29.02
CA CYS B 134 -52.32 2.89 -30.27
C CYS B 134 -52.66 1.40 -30.17
N GLY B 135 -53.92 1.05 -30.43
CA GLY B 135 -54.34 -0.37 -30.35
C GLY B 135 -54.01 -1.10 -31.64
N ASP B 136 -52.71 -1.35 -31.88
CA ASP B 136 -52.25 -2.06 -33.09
C ASP B 136 -52.75 -3.51 -33.03
N THR B 137 -53.07 -4.11 -34.18
CA THR B 137 -53.57 -5.51 -34.19
C THR B 137 -52.36 -6.46 -34.12
N SER B 138 -51.75 -6.58 -32.94
CA SER B 138 -50.57 -7.47 -32.76
C SER B 138 -51.03 -8.92 -32.99
N GLY B 139 -50.27 -9.68 -33.77
CA GLY B 139 -50.66 -11.06 -34.08
C GLY B 139 -50.72 -11.97 -32.86
N SER B 140 -49.71 -11.91 -31.97
CA SER B 140 -49.74 -12.84 -30.81
C SER B 140 -49.55 -12.17 -29.45
N SER B 141 -48.85 -11.03 -29.36
CA SER B 141 -48.60 -10.47 -28.00
C SER B 141 -48.95 -9.00 -27.86
N VAL B 142 -49.67 -8.66 -26.79
CA VAL B 142 -50.02 -7.25 -26.42
C VAL B 142 -49.49 -7.03 -24.99
N THR B 143 -48.73 -5.95 -24.78
CA THR B 143 -48.13 -5.68 -23.44
C THR B 143 -48.85 -4.50 -22.79
N LEU B 144 -49.41 -4.73 -21.60
CA LEU B 144 -49.99 -3.68 -20.72
C LEU B 144 -48.98 -3.40 -19.61
N GLY B 145 -49.13 -2.26 -18.92
CA GLY B 145 -48.23 -1.85 -17.82
C GLY B 145 -48.97 -1.16 -16.71
N CYS B 146 -48.27 -0.92 -15.59
CA CYS B 146 -48.75 -0.20 -14.39
C CYS B 146 -47.56 0.57 -13.80
N LEU B 147 -47.79 1.78 -13.28
CA LEU B 147 -46.73 2.71 -12.83
C LEU B 147 -47.08 3.29 -11.46
N VAL B 148 -46.35 2.83 -10.44
CA VAL B 148 -46.51 3.23 -9.01
C VAL B 148 -45.49 4.34 -8.71
N LYS B 149 -45.94 5.56 -8.42
CA LYS B 149 -45.04 6.74 -8.44
C LYS B 149 -45.15 7.58 -7.16
N GLY B 150 -44.03 8.20 -6.78
CA GLY B 150 -43.93 9.29 -5.79
C GLY B 150 -44.32 8.85 -4.39
N TYR B 151 -43.67 7.80 -3.88
CA TYR B 151 -43.97 7.19 -2.55
C TYR B 151 -42.71 7.03 -1.72
N PHE B 152 -42.91 6.81 -0.42
CA PHE B 152 -41.85 6.73 0.61
C PHE B 152 -42.49 6.23 1.91
N PRO B 153 -41.81 5.37 2.70
CA PRO B 153 -40.61 4.66 2.27
C PRO B 153 -40.93 3.38 1.48
N GLU B 154 -40.01 2.42 1.48
CA GLU B 154 -40.21 1.04 0.96
C GLU B 154 -40.80 0.17 2.08
N PRO B 155 -41.34 -1.04 1.79
CA PRO B 155 -41.56 -1.52 0.42
C PRO B 155 -42.93 -1.12 -0.15
N VAL B 156 -43.19 -1.50 -1.41
CA VAL B 156 -44.56 -1.66 -1.98
C VAL B 156 -44.56 -2.90 -2.87
N THR B 157 -45.57 -3.76 -2.72
CA THR B 157 -45.76 -4.95 -3.57
C THR B 157 -46.87 -4.66 -4.59
N LEU B 158 -46.57 -4.94 -5.86
CA LEU B 158 -47.49 -4.87 -7.01
C LEU B 158 -47.79 -6.30 -7.47
N THR B 159 -49.05 -6.67 -7.56
CA THR B 159 -49.50 -7.95 -8.19
C THR B 159 -50.30 -7.65 -9.45
N TRP B 160 -50.67 -8.71 -10.17
CA TRP B 160 -51.60 -8.66 -11.33
C TRP B 160 -52.71 -9.69 -11.10
N ASN B 161 -53.96 -9.23 -11.05
CA ASN B 161 -55.15 -10.07 -10.78
C ASN B 161 -54.99 -10.75 -9.41
N SER B 162 -54.53 -10.00 -8.41
CA SER B 162 -54.50 -10.38 -6.98
C SER B 162 -53.62 -11.63 -6.76
N GLY B 163 -52.66 -11.86 -7.67
CA GLY B 163 -51.74 -13.01 -7.62
C GLY B 163 -51.72 -13.79 -8.92
N SER B 164 -52.87 -13.97 -9.57
CA SER B 164 -52.89 -14.88 -10.75
C SER B 164 -52.35 -14.19 -12.01
N LEU B 165 -51.11 -13.72 -11.96
CA LEU B 165 -50.44 -13.13 -13.16
C LEU B 165 -48.92 -13.26 -13.03
N SER B 166 -48.39 -14.48 -13.06
CA SER B 166 -46.92 -14.69 -12.97
C SER B 166 -46.35 -14.97 -14.37
N SER B 167 -47.24 -15.14 -15.34
CA SER B 167 -46.90 -15.43 -16.75
C SER B 167 -46.70 -14.12 -17.51
N GLY B 168 -45.45 -13.73 -17.74
CA GLY B 168 -45.03 -12.61 -18.60
C GLY B 168 -44.74 -11.33 -17.84
N VAL B 169 -44.67 -11.40 -16.50
CA VAL B 169 -44.59 -10.22 -15.60
C VAL B 169 -43.13 -9.88 -15.32
N HIS B 170 -42.80 -8.58 -15.37
CA HIS B 170 -41.48 -8.02 -14.94
C HIS B 170 -41.72 -6.80 -14.04
N THR B 171 -41.71 -6.99 -12.72
CA THR B 171 -41.62 -5.88 -11.74
C THR B 171 -40.18 -5.35 -11.72
N PHE B 172 -39.97 -4.08 -12.08
CA PHE B 172 -38.65 -3.40 -12.03
C PHE B 172 -38.48 -2.78 -10.64
N PRO B 173 -37.26 -2.84 -10.05
CA PRO B 173 -37.03 -2.29 -8.70
C PRO B 173 -37.26 -0.79 -8.52
N ALA B 174 -37.53 -0.40 -7.27
CA ALA B 174 -37.76 0.99 -6.81
C ALA B 174 -36.50 1.82 -7.09
N VAL B 175 -36.67 3.13 -7.31
CA VAL B 175 -35.57 4.07 -7.66
C VAL B 175 -35.81 5.41 -6.97
N LEU B 176 -34.97 5.75 -5.98
CA LEU B 176 -35.04 7.05 -5.25
C LEU B 176 -34.76 8.19 -6.24
N GLN B 177 -35.53 9.28 -6.13
CA GLN B 177 -35.43 10.51 -6.98
C GLN B 177 -36.02 11.69 -6.23
N SER B 178 -35.17 12.66 -5.84
CA SER B 178 -35.56 13.84 -5.04
C SER B 178 -36.42 13.39 -3.86
N ASP B 179 -35.97 12.33 -3.17
CA ASP B 179 -36.53 11.80 -1.89
C ASP B 179 -37.89 11.14 -2.12
N LEU B 180 -38.11 10.51 -3.27
CA LEU B 180 -39.30 9.66 -3.57
C LEU B 180 -38.89 8.50 -4.48
N TYR B 181 -39.53 7.34 -4.29
CA TYR B 181 -39.32 6.09 -5.07
C TYR B 181 -40.36 6.01 -6.20
N THR B 182 -39.90 5.64 -7.41
CA THR B 182 -40.77 5.22 -8.53
C THR B 182 -40.49 3.75 -8.83
N LEU B 183 -41.49 3.09 -9.41
CA LEU B 183 -41.52 1.62 -9.65
C LEU B 183 -42.46 1.38 -10.82
N SER B 184 -42.26 0.29 -11.57
CA SER B 184 -43.11 -0.08 -12.73
C SER B 184 -43.29 -1.60 -12.76
N SER B 185 -44.06 -2.10 -13.72
CA SER B 185 -44.21 -3.55 -14.01
C SER B 185 -44.88 -3.73 -15.38
N SER B 186 -44.31 -4.59 -16.22
CA SER B 186 -44.89 -5.01 -17.51
C SER B 186 -45.81 -6.20 -17.27
N VAL B 187 -46.47 -6.64 -18.34
CA VAL B 187 -47.14 -7.97 -18.44
C VAL B 187 -47.53 -8.18 -19.90
N THR B 188 -46.91 -9.14 -20.57
CA THR B 188 -47.27 -9.60 -21.93
C THR B 188 -48.41 -10.63 -21.78
N VAL B 189 -49.44 -10.53 -22.63
CA VAL B 189 -50.63 -11.44 -22.67
C VAL B 189 -51.09 -11.58 -24.13
N THR B 190 -51.68 -12.71 -24.50
CA THR B 190 -52.18 -13.00 -25.87
C THR B 190 -53.19 -11.93 -26.28
N SER B 191 -53.19 -11.53 -27.55
CA SER B 191 -54.12 -10.52 -28.12
C SER B 191 -55.57 -11.00 -27.98
N SER B 192 -55.77 -12.31 -28.09
CA SER B 192 -57.08 -13.00 -27.88
C SER B 192 -57.66 -12.63 -26.52
N THR B 193 -56.85 -12.70 -25.45
CA THR B 193 -57.31 -12.51 -24.04
C THR B 193 -57.78 -11.06 -23.84
N TRP B 194 -56.84 -10.11 -23.77
CA TRP B 194 -57.08 -8.70 -23.42
C TRP B 194 -57.61 -7.95 -24.64
N PRO B 195 -58.56 -7.00 -24.50
CA PRO B 195 -59.10 -6.58 -23.20
C PRO B 195 -60.31 -7.37 -22.69
N SER B 196 -60.77 -8.37 -23.45
CA SER B 196 -61.91 -9.27 -23.09
C SER B 196 -61.69 -9.81 -21.67
N GLN B 197 -60.51 -10.35 -21.39
CA GLN B 197 -60.07 -10.74 -20.04
C GLN B 197 -59.55 -9.49 -19.32
N SER B 198 -60.23 -9.04 -18.26
CA SER B 198 -59.84 -7.86 -17.46
C SER B 198 -58.49 -8.13 -16.78
N ILE B 199 -57.58 -7.15 -16.81
CA ILE B 199 -56.22 -7.25 -16.20
C ILE B 199 -55.98 -6.00 -15.34
N THR B 200 -55.60 -6.21 -14.08
CA THR B 200 -55.57 -5.18 -13.01
C THR B 200 -54.26 -5.29 -12.22
N CYS B 201 -53.52 -4.18 -12.09
CA CYS B 201 -52.30 -4.10 -11.25
C CYS B 201 -52.72 -3.73 -9.82
N ASN B 202 -52.37 -4.56 -8.83
CA ASN B 202 -52.85 -4.45 -7.42
C ASN B 202 -51.69 -3.98 -6.53
N VAL B 203 -51.63 -2.68 -6.26
CA VAL B 203 -50.55 -2.02 -5.48
C VAL B 203 -50.92 -2.02 -4.00
N ALA B 204 -49.92 -1.96 -3.13
CA ALA B 204 -50.07 -2.00 -1.65
C ALA B 204 -48.85 -1.37 -1.00
N HIS B 205 -49.01 -0.25 -0.31
CA HIS B 205 -47.92 0.48 0.41
C HIS B 205 -48.23 0.51 1.91
N PRO B 206 -47.84 -0.54 2.66
CA PRO B 206 -48.23 -0.69 4.06
C PRO B 206 -47.84 0.42 5.05
N ALA B 207 -46.87 1.28 4.72
CA ALA B 207 -46.44 2.41 5.58
C ALA B 207 -47.54 3.48 5.59
N SER B 208 -48.29 3.59 4.50
CA SER B 208 -49.44 4.52 4.33
C SER B 208 -50.77 3.76 4.46
N SER B 209 -50.71 2.48 4.88
CA SER B 209 -51.86 1.54 4.95
C SER B 209 -52.51 1.39 3.56
N THR B 210 -51.87 1.89 2.51
CA THR B 210 -52.51 2.08 1.18
C THR B 210 -52.62 0.72 0.48
N LYS B 211 -53.76 0.51 -0.18
CA LYS B 211 -53.98 -0.55 -1.19
C LYS B 211 -54.81 0.08 -2.32
N VAL B 212 -54.40 -0.17 -3.56
CA VAL B 212 -55.04 0.42 -4.77
C VAL B 212 -55.02 -0.63 -5.88
N ASP B 213 -56.06 -0.62 -6.70
CA ASP B 213 -56.11 -1.37 -7.99
C ASP B 213 -56.39 -0.37 -9.11
N LYS B 214 -55.87 -0.65 -10.29
CA LYS B 214 -56.30 -0.01 -11.56
C LYS B 214 -56.52 -1.14 -12.57
N LYS B 215 -57.77 -1.36 -12.98
CA LYS B 215 -58.05 -2.19 -14.18
C LYS B 215 -57.43 -1.42 -15.36
N ILE B 216 -56.66 -2.11 -16.19
CA ILE B 216 -55.90 -1.51 -17.33
C ILE B 216 -56.84 -1.50 -18.54
N GLU B 217 -57.47 -0.35 -18.83
CA GLU B 217 -58.56 -0.20 -19.84
C GLU B 217 -58.03 0.52 -21.08
N PRO B 218 -58.58 0.22 -22.27
CA PRO B 218 -58.07 0.75 -23.54
C PRO B 218 -58.29 2.25 -23.77
N ARG B 219 -58.18 2.67 -25.05
CA ARG B 219 -58.16 4.09 -25.48
C ARG B 219 -58.98 4.24 -26.78
N CYS C 2 71.11 -0.83 7.55
CA CYS C 2 71.34 -1.15 6.11
C CYS C 2 70.59 -0.14 5.23
N SER C 3 70.61 -0.36 3.91
CA SER C 3 69.91 0.46 2.89
C SER C 3 69.67 -0.37 1.62
N GLN C 4 68.42 -0.79 1.39
CA GLN C 4 68.06 -1.84 0.41
C GLN C 4 68.04 -1.26 -1.01
N LYS C 5 68.08 -2.16 -2.01
CA LYS C 5 67.78 -1.90 -3.44
C LYS C 5 66.28 -2.07 -3.63
N PRO C 6 65.44 -1.03 -3.39
CA PRO C 6 63.98 -1.21 -3.36
C PRO C 6 63.44 -1.60 -4.74
N SER C 7 64.15 -1.17 -5.80
CA SER C 7 63.94 -1.55 -7.22
C SER C 7 64.09 -3.07 -7.39
N ASP C 8 63.08 -3.71 -8.00
CA ASP C 8 63.03 -5.18 -8.25
C ASP C 8 62.05 -5.45 -9.41
N LYS C 9 61.77 -6.72 -9.68
CA LYS C 9 60.65 -7.18 -10.54
C LYS C 9 59.30 -6.96 -9.83
N HIS C 10 59.30 -6.60 -8.53
CA HIS C 10 58.13 -6.61 -7.61
C HIS C 10 57.23 -5.38 -7.84
N LEU C 11 57.80 -4.21 -8.16
CA LEU C 11 57.04 -2.94 -8.32
C LEU C 11 56.69 -2.71 -9.80
N ASP C 12 56.72 -3.76 -10.63
CA ASP C 12 56.39 -3.66 -12.08
C ASP C 12 54.90 -3.37 -12.24
N ALA C 13 54.09 -3.67 -11.22
CA ALA C 13 52.62 -3.51 -11.20
C ALA C 13 52.23 -2.03 -11.13
N ILE C 14 52.86 -1.28 -10.23
CA ILE C 14 52.35 0.01 -9.67
C ILE C 14 52.18 1.08 -10.75
N PRO C 15 53.01 1.14 -11.81
CA PRO C 15 52.77 2.08 -12.91
C PRO C 15 51.36 2.06 -13.52
N ILE C 16 50.78 0.87 -13.70
CA ILE C 16 49.50 0.65 -14.45
C ILE C 16 48.30 0.86 -13.51
N LEU C 17 48.40 0.44 -12.25
CA LEU C 17 47.33 0.62 -11.24
C LEU C 17 47.06 2.13 -11.08
N TYR C 18 48.10 2.94 -10.87
CA TYR C 18 48.04 4.43 -10.79
C TYR C 18 47.26 4.99 -11.98
N TYR C 19 47.25 4.28 -13.12
CA TYR C 19 46.49 4.65 -14.34
C TYR C 19 45.02 4.28 -14.18
N ILE C 20 44.73 3.03 -13.78
CA ILE C 20 43.34 2.58 -13.46
C ILE C 20 42.74 3.55 -12.45
N ILE C 21 43.40 3.72 -11.29
CA ILE C 21 43.02 4.66 -10.20
C ILE C 21 42.84 6.06 -10.78
N PHE C 22 43.75 6.50 -11.66
CA PHE C 22 43.69 7.84 -12.33
C PHE C 22 42.38 7.94 -13.12
N VAL C 23 42.25 7.15 -14.19
CA VAL C 23 41.15 7.27 -15.19
C VAL C 23 39.81 6.98 -14.49
N ILE C 24 39.73 5.93 -13.66
CA ILE C 24 38.50 5.56 -12.89
C ILE C 24 38.22 6.66 -11.87
N GLY C 25 39.17 6.92 -10.97
CA GLY C 25 39.09 8.00 -9.96
C GLY C 25 38.74 9.34 -10.57
N PHE C 26 38.95 9.52 -11.87
CA PHE C 26 38.75 10.82 -12.59
C PHE C 26 37.28 10.98 -12.98
N LEU C 27 36.81 10.19 -13.96
CA LEU C 27 35.42 10.22 -14.49
C LEU C 27 34.47 10.40 -13.30
N VAL C 28 34.57 9.48 -12.33
CA VAL C 28 33.78 9.42 -11.07
C VAL C 28 33.78 10.79 -10.37
N ASN C 29 34.93 11.47 -10.29
CA ASN C 29 35.11 12.71 -9.50
C ASN C 29 34.79 13.96 -10.34
N ILE C 30 34.87 13.85 -11.67
CA ILE C 30 34.48 14.93 -12.63
C ILE C 30 32.95 15.09 -12.58
N VAL C 31 32.24 13.96 -12.49
CA VAL C 31 30.76 13.89 -12.26
C VAL C 31 30.42 14.72 -11.03
N VAL C 32 31.00 14.38 -9.87
CA VAL C 32 30.70 14.97 -8.54
C VAL C 32 30.82 16.50 -8.63
N VAL C 33 31.80 17.00 -9.38
CA VAL C 33 32.07 18.47 -9.53
C VAL C 33 30.96 19.10 -10.38
N THR C 34 30.59 18.50 -11.52
CA THR C 34 29.60 19.04 -12.49
C THR C 34 28.18 18.98 -11.90
N LEU C 35 27.90 18.08 -10.96
CA LEU C 35 26.63 18.05 -10.17
C LEU C 35 26.52 19.37 -9.39
N PHE C 36 27.45 19.58 -8.46
CA PHE C 36 27.51 20.84 -7.66
C PHE C 36 27.83 22.00 -8.58
N CYS C 37 28.72 21.83 -9.56
CA CYS C 37 29.06 22.98 -10.43
C CYS C 37 27.85 23.45 -11.23
N CYS C 38 27.08 22.50 -11.80
CA CYS C 38 25.92 22.83 -12.67
C CYS C 38 24.74 23.53 -11.95
N GLN C 39 24.30 23.01 -10.80
CA GLN C 39 23.12 23.60 -10.11
C GLN C 39 23.46 24.25 -8.76
N LYS C 40 24.63 23.92 -8.18
CA LYS C 40 25.16 24.44 -6.88
C LYS C 40 24.37 23.87 -5.69
N GLY C 41 24.53 24.48 -4.50
CA GLY C 41 23.86 24.02 -3.27
C GLY C 41 22.34 24.13 -3.28
N PRO C 42 21.74 25.26 -3.73
CA PRO C 42 22.26 26.60 -3.42
C PRO C 42 22.39 26.76 -1.89
N LYS C 43 23.55 27.25 -1.44
CA LYS C 43 23.84 27.47 -0.01
C LYS C 43 23.63 26.17 0.79
N LYS C 44 24.09 25.03 0.26
CA LYS C 44 23.93 23.74 0.97
C LYS C 44 25.26 23.38 1.64
N VAL C 45 25.28 23.34 2.98
CA VAL C 45 26.50 23.06 3.77
C VAL C 45 27.04 21.65 3.54
N SER C 46 26.16 20.64 3.47
CA SER C 46 26.62 19.24 3.36
C SER C 46 27.27 19.04 1.98
N SER C 47 26.71 19.66 0.94
CA SER C 47 27.16 19.54 -0.47
C SER C 47 28.39 20.42 -0.75
N ILE C 48 28.66 21.44 0.09
CA ILE C 48 29.85 22.32 -0.10
C ILE C 48 31.12 21.55 0.31
N TYR C 49 31.06 20.71 1.35
CA TYR C 49 32.21 19.90 1.83
C TYR C 49 32.51 18.77 0.84
N ILE C 50 31.48 18.16 0.24
CA ILE C 50 31.61 17.09 -0.80
C ILE C 50 32.44 17.64 -1.97
N PHE C 51 32.29 18.94 -2.27
CA PHE C 51 32.97 19.62 -3.39
C PHE C 51 34.47 19.73 -3.10
N ASN C 52 34.85 20.51 -2.09
CA ASN C 52 36.27 20.74 -1.70
C ASN C 52 36.99 19.39 -1.61
N LEU C 53 36.34 18.39 -1.02
CA LEU C 53 36.81 16.97 -0.95
C LEU C 53 37.04 16.45 -2.38
N ALA C 54 35.98 16.36 -3.17
CA ALA C 54 35.98 15.79 -4.55
C ALA C 54 36.94 16.57 -5.45
N VAL C 55 37.18 17.85 -5.11
CA VAL C 55 38.19 18.73 -5.76
C VAL C 55 39.59 18.27 -5.35
N ALA C 56 39.89 18.29 -4.05
CA ALA C 56 41.17 17.84 -3.44
C ALA C 56 41.50 16.43 -3.95
N ASP C 57 40.51 15.55 -3.99
CA ASP C 57 40.59 14.18 -4.57
C ASP C 57 41.04 14.27 -6.04
N LEU C 58 40.48 15.22 -6.80
CA LEU C 58 40.72 15.41 -8.26
C LEU C 58 42.09 16.07 -8.51
N LEU C 59 42.74 16.60 -7.47
CA LEU C 59 44.12 17.18 -7.54
C LEU C 59 45.15 16.11 -7.18
N VAL C 60 44.90 15.34 -6.12
CA VAL C 60 45.64 14.08 -5.83
C VAL C 60 45.71 13.31 -7.15
N LEU C 61 44.55 12.92 -7.68
CA LEU C 61 44.42 12.03 -8.87
C LEU C 61 45.00 12.71 -10.11
N ALA C 62 45.08 14.05 -10.13
CA ALA C 62 45.70 14.84 -11.23
C ALA C 62 47.13 14.35 -11.49
N THR C 63 47.92 14.21 -10.43
CA THR C 63 49.41 14.09 -10.49
C THR C 63 49.85 12.63 -10.67
N LEU C 64 48.95 11.65 -10.59
CA LEU C 64 49.32 10.19 -10.54
C LEU C 64 50.08 9.76 -11.79
N PRO C 65 49.76 10.24 -13.02
CA PRO C 65 50.55 9.87 -14.20
C PRO C 65 51.97 10.43 -14.12
N LEU C 66 52.17 11.49 -13.32
CA LEU C 66 53.51 12.07 -13.04
C LEU C 66 54.32 11.08 -12.19
N TRP C 67 53.75 10.59 -11.08
CA TRP C 67 54.40 9.62 -10.15
C TRP C 67 54.48 8.24 -10.80
N ALA C 68 53.65 7.96 -11.80
CA ALA C 68 53.67 6.69 -12.58
C ALA C 68 55.01 6.53 -13.30
N THR C 69 55.65 7.64 -13.67
CA THR C 69 57.04 7.70 -14.20
C THR C 69 58.01 7.19 -13.11
N TYR C 70 58.09 7.93 -11.99
CA TYR C 70 59.03 7.68 -10.87
C TYR C 70 59.15 6.18 -10.57
N TYR C 71 58.04 5.44 -10.58
CA TYR C 71 58.01 3.98 -10.30
C TYR C 71 58.35 3.17 -11.57
N SER C 72 58.07 3.73 -12.76
CA SER C 72 58.38 3.12 -14.08
C SER C 72 59.89 3.19 -14.34
N TYR C 73 60.51 4.33 -13.99
CA TYR C 73 61.95 4.61 -14.24
C TYR C 73 62.73 4.25 -12.96
N ARG C 74 62.34 3.18 -12.28
CA ARG C 74 63.07 2.54 -11.15
C ARG C 74 63.58 3.63 -10.19
N TYR C 75 62.76 4.64 -9.91
CA TYR C 75 63.02 5.79 -8.99
C TYR C 75 63.94 6.84 -9.64
N ASP C 76 64.01 6.89 -10.98
CA ASP C 76 64.71 7.96 -11.75
C ASP C 76 63.71 9.08 -12.04
N TRP C 77 63.79 10.17 -11.29
CA TRP C 77 63.00 11.42 -11.46
C TRP C 77 63.46 12.14 -12.73
N LEU C 78 62.54 12.46 -13.64
CA LEU C 78 62.87 13.03 -14.98
C LEU C 78 62.83 14.56 -14.96
N PHE C 79 62.13 15.16 -13.99
CA PHE C 79 61.59 16.55 -14.09
C PHE C 79 62.47 17.56 -13.35
N GLY C 80 63.61 17.12 -12.80
CA GLY C 80 64.63 18.01 -12.21
C GLY C 80 64.23 18.50 -10.82
N PRO C 81 65.19 19.06 -10.04
CA PRO C 81 65.07 19.14 -8.60
C PRO C 81 64.06 20.17 -8.06
N VAL C 82 63.66 21.15 -8.86
CA VAL C 82 62.63 22.17 -8.47
C VAL C 82 61.24 21.59 -8.70
N MET C 83 61.06 20.79 -9.75
CA MET C 83 59.76 20.14 -10.07
C MET C 83 59.44 19.06 -9.03
N CYS C 84 60.48 18.40 -8.51
CA CYS C 84 60.38 17.35 -7.44
C CYS C 84 59.80 17.97 -6.16
N LYS C 85 60.31 19.14 -5.76
CA LYS C 85 59.85 19.89 -4.55
C LYS C 85 58.36 20.22 -4.68
N VAL C 86 57.92 20.64 -5.88
CA VAL C 86 56.53 21.10 -6.16
C VAL C 86 55.55 19.95 -5.90
N PHE C 87 55.53 18.96 -6.79
CA PHE C 87 54.49 17.89 -6.84
C PHE C 87 54.50 17.08 -5.55
N GLY C 88 55.68 16.89 -4.94
CA GLY C 88 55.85 16.24 -3.62
C GLY C 88 55.06 16.96 -2.55
N SER C 89 55.29 18.27 -2.39
CA SER C 89 54.54 19.14 -1.46
C SER C 89 53.05 19.16 -1.85
N PHE C 90 52.73 19.39 -3.13
CA PHE C 90 51.35 19.54 -3.65
C PHE C 90 50.54 18.25 -3.41
N LEU C 91 51.20 17.08 -3.47
CA LEU C 91 50.55 15.77 -3.21
C LEU C 91 50.18 15.69 -1.72
N THR C 92 51.16 15.85 -0.83
CA THR C 92 50.98 15.88 0.65
C THR C 92 49.87 16.86 1.01
N LEU C 93 49.85 18.03 0.35
CA LEU C 93 48.86 19.13 0.55
C LEU C 93 47.44 18.57 0.40
N ASN C 94 47.15 17.96 -0.75
CA ASN C 94 45.80 17.45 -1.12
C ASN C 94 45.46 16.23 -0.27
N MET C 95 46.36 15.26 -0.16
CA MET C 95 46.21 14.09 0.75
C MET C 95 45.63 14.60 2.08
N PHE C 96 46.35 15.48 2.78
CA PHE C 96 46.02 15.99 4.13
C PHE C 96 44.67 16.72 4.11
N ALA C 97 44.35 17.40 3.00
CA ALA C 97 43.08 18.13 2.80
C ALA C 97 41.94 17.15 2.51
N SER C 98 42.15 16.24 1.55
CA SER C 98 41.21 15.14 1.18
C SER C 98 40.74 14.39 2.42
N ILE C 99 41.66 14.13 3.36
CA ILE C 99 41.40 13.38 4.63
C ILE C 99 40.64 14.28 5.61
N TRP C 100 41.06 15.54 5.76
CA TRP C 100 40.52 16.48 6.77
C TRP C 100 39.11 16.94 6.37
N PHE C 101 38.70 16.77 5.11
CA PHE C 101 37.32 17.07 4.66
C PHE C 101 36.41 15.89 5.01
N ILE C 102 36.91 14.64 4.89
CA ILE C 102 36.24 13.42 5.43
C ILE C 102 36.01 13.64 6.94
N THR C 103 37.01 14.20 7.65
CA THR C 103 36.92 14.56 9.08
C THR C 103 35.68 15.44 9.30
N CYS C 104 35.52 16.49 8.49
CA CYS C 104 34.40 17.47 8.56
C CYS C 104 33.07 16.76 8.25
N MET C 105 32.97 16.17 7.07
CA MET C 105 31.78 15.44 6.55
C MET C 105 31.17 14.57 7.66
N SER C 106 32.01 13.81 8.38
CA SER C 106 31.59 12.82 9.41
C SER C 106 31.05 13.53 10.65
N VAL C 107 31.59 14.71 10.98
CA VAL C 107 31.11 15.58 12.11
C VAL C 107 29.81 16.27 11.70
N ASP C 108 29.71 16.68 10.44
CA ASP C 108 28.48 17.25 9.84
C ASP C 108 27.37 16.20 9.93
N ARG C 109 27.65 14.98 9.47
CA ARG C 109 26.68 13.86 9.39
C ARG C 109 26.17 13.49 10.77
N TYR C 110 27.03 13.59 11.80
CA TYR C 110 26.66 13.36 13.21
C TYR C 110 25.68 14.44 13.67
N GLN C 111 25.94 15.71 13.36
CA GLN C 111 25.07 16.85 13.75
C GLN C 111 23.77 16.81 12.93
N SER C 112 23.84 16.33 11.68
CA SER C 112 22.67 16.07 10.79
C SER C 112 21.69 15.10 11.46
N VAL C 113 22.14 14.35 12.46
CA VAL C 113 21.38 13.21 13.09
C VAL C 113 20.84 13.64 14.46
N ILE C 114 21.56 14.48 15.21
CA ILE C 114 21.14 14.95 16.56
C ILE C 114 20.15 16.11 16.39
N TYR C 115 20.39 17.00 15.42
CA TYR C 115 19.62 18.25 15.17
C TYR C 115 19.24 18.33 13.69
N PRO C 116 18.33 17.46 13.19
CA PRO C 116 18.03 17.40 11.76
C PRO C 116 17.30 18.66 11.25
N PHE C 117 18.05 19.75 11.07
CA PHE C 117 17.59 21.06 10.55
C PHE C 117 18.79 22.02 10.44
N ASN C 123 20.95 26.25 6.07
CA ASN C 123 21.63 27.51 5.65
C ASN C 123 23.13 27.40 5.93
N PRO C 124 24.00 27.75 4.95
CA PRO C 124 25.45 27.72 5.14
C PRO C 124 25.99 29.05 5.67
N TRP C 125 26.84 29.02 6.71
CA TRP C 125 27.48 30.24 7.27
C TRP C 125 28.93 29.95 7.68
N GLN C 126 29.17 28.97 8.56
CA GLN C 126 30.50 28.64 9.12
C GLN C 126 31.41 28.00 8.07
N ALA C 127 30.83 27.48 6.98
CA ALA C 127 31.56 26.92 5.81
C ALA C 127 32.66 27.90 5.34
N SER C 128 32.52 29.20 5.65
CA SER C 128 33.48 30.28 5.33
C SER C 128 34.81 30.09 6.08
N TYR C 129 34.76 29.61 7.32
CA TYR C 129 35.97 29.28 8.13
C TYR C 129 36.44 27.87 7.75
N ILE C 130 35.62 26.87 8.05
CA ILE C 130 35.95 25.42 7.92
C ILE C 130 36.59 25.13 6.55
N VAL C 131 36.08 25.72 5.45
CA VAL C 131 36.53 25.38 4.06
C VAL C 131 37.94 25.92 3.82
N PRO C 132 38.18 27.26 3.86
CA PRO C 132 39.54 27.77 3.87
C PRO C 132 40.48 27.20 4.95
N LEU C 133 40.05 27.18 6.23
CA LEU C 133 40.88 26.76 7.39
C LEU C 133 41.54 25.40 7.12
N VAL C 134 40.81 24.47 6.48
CA VAL C 134 41.33 23.14 6.07
C VAL C 134 42.50 23.37 5.09
N TRP C 135 42.22 23.88 3.89
CA TRP C 135 43.23 24.14 2.82
C TRP C 135 44.48 24.81 3.40
N CYS C 136 44.29 25.80 4.27
CA CYS C 136 45.38 26.62 4.88
C CYS C 136 46.33 25.69 5.64
N MET C 137 45.81 24.90 6.57
CA MET C 137 46.61 23.95 7.40
C MET C 137 47.20 22.85 6.50
N ALA C 138 46.50 22.48 5.43
CA ALA C 138 46.96 21.49 4.42
C ALA C 138 48.26 22.00 3.76
N CYS C 139 48.46 23.32 3.70
CA CYS C 139 49.71 23.96 3.23
C CYS C 139 50.73 24.05 4.35
N LEU C 140 50.34 24.62 5.50
CA LEU C 140 51.18 24.73 6.72
C LEU C 140 51.71 23.36 7.14
N SER C 141 50.96 22.30 6.83
CA SER C 141 51.34 20.88 7.08
C SER C 141 52.24 20.35 5.95
N SER C 142 52.34 21.10 4.83
CA SER C 142 53.01 20.67 3.58
C SER C 142 54.27 21.49 3.29
N LEU C 143 54.64 22.45 4.14
CA LEU C 143 55.88 23.26 4.01
C LEU C 143 57.09 22.40 4.37
N PRO C 144 57.11 21.67 5.51
CA PRO C 144 58.16 20.69 5.78
C PRO C 144 58.52 19.82 4.57
N THR C 145 57.52 19.41 3.79
CA THR C 145 57.68 18.51 2.61
C THR C 145 58.29 19.30 1.44
N PHE C 146 57.84 20.54 1.20
CA PHE C 146 58.36 21.44 0.13
C PHE C 146 59.86 21.66 0.34
N TYR C 147 60.26 21.88 1.59
CA TYR C 147 61.63 22.24 2.03
C TYR C 147 62.60 21.08 1.75
N PHE C 148 62.36 19.91 2.35
CA PHE C 148 63.29 18.76 2.41
C PHE C 148 63.27 17.96 1.11
N ARG C 149 62.16 17.97 0.38
CA ARG C 149 62.02 17.29 -0.94
C ARG C 149 63.12 17.80 -1.87
N ASP C 150 63.71 16.93 -2.69
CA ASP C 150 64.82 17.25 -3.64
C ASP C 150 65.25 16.01 -4.43
N VAL C 151 65.86 16.20 -5.60
CA VAL C 151 66.48 15.13 -6.43
C VAL C 151 67.92 14.90 -5.93
N ARG C 152 68.25 13.64 -5.59
CA ARG C 152 69.61 13.19 -5.24
C ARG C 152 69.95 11.95 -6.07
N THR C 153 71.16 11.86 -6.61
CA THR C 153 71.71 10.59 -7.13
C THR C 153 71.81 9.65 -5.93
N ILE C 154 70.94 8.65 -5.86
CA ILE C 154 70.75 7.82 -4.64
C ILE C 154 71.89 6.81 -4.55
N GLU C 155 72.40 6.62 -3.33
CA GLU C 155 73.72 6.01 -3.00
C GLU C 155 73.90 4.67 -3.74
N TYR C 156 72.89 3.81 -3.68
CA TYR C 156 72.96 2.37 -4.08
C TYR C 156 72.54 2.21 -5.55
N LEU C 157 71.29 2.59 -5.88
CA LEU C 157 70.61 2.34 -7.19
C LEU C 157 71.45 2.89 -8.37
N GLY C 158 72.15 4.02 -8.18
CA GLY C 158 72.87 4.73 -9.25
C GLY C 158 71.91 5.56 -10.09
N VAL C 159 70.95 6.20 -9.42
CA VAL C 159 69.72 6.79 -10.03
C VAL C 159 69.43 8.12 -9.33
N ASN C 160 68.91 9.12 -10.07
CA ASN C 160 68.61 10.49 -9.59
C ASN C 160 67.17 10.52 -9.06
N ALA C 161 66.98 10.37 -7.74
CA ALA C 161 65.69 10.09 -7.09
C ALA C 161 65.15 11.33 -6.36
N CYS C 162 63.82 11.48 -6.36
CA CYS C 162 63.03 12.56 -5.72
C CYS C 162 62.72 12.16 -4.27
N ILE C 163 63.51 12.68 -3.32
CA ILE C 163 63.61 12.13 -1.93
C ILE C 163 63.48 13.27 -0.90
N MET C 164 63.00 12.95 0.30
CA MET C 164 62.95 13.88 1.46
C MET C 164 64.38 14.00 2.03
N ALA C 165 65.16 14.93 1.48
CA ALA C 165 66.58 15.15 1.81
C ALA C 165 66.71 16.07 3.04
N PHE C 166 66.78 15.48 4.23
CA PHE C 166 67.04 16.16 5.52
C PHE C 166 68.55 16.40 5.66
N PRO C 167 69.03 17.16 6.67
CA PRO C 167 70.47 17.27 6.92
C PRO C 167 71.08 15.92 7.28
N PRO C 168 72.05 15.40 6.48
CA PRO C 168 72.62 14.07 6.72
C PRO C 168 72.92 13.77 8.20
N GLU C 169 73.47 14.76 8.91
CA GLU C 169 73.93 14.67 10.33
C GLU C 169 72.90 13.97 11.23
N LYS C 170 71.59 14.26 11.09
CA LYS C 170 70.49 13.73 11.94
C LYS C 170 69.34 13.21 11.08
N TYR C 171 69.63 12.64 9.90
CA TYR C 171 68.63 12.14 8.92
C TYR C 171 67.63 11.23 9.65
N ALA C 172 68.14 10.29 10.44
CA ALA C 172 67.35 9.34 11.28
C ALA C 172 66.31 10.11 12.09
N GLN C 173 66.74 11.16 12.80
CA GLN C 173 65.87 11.97 13.70
C GLN C 173 64.72 12.59 12.89
N TRP C 174 65.03 13.40 11.90
CA TRP C 174 64.04 14.08 11.03
C TRP C 174 63.09 13.04 10.42
N SER C 175 63.61 12.13 9.61
CA SER C 175 62.82 11.17 8.80
C SER C 175 61.84 10.36 9.67
N ALA C 176 62.08 10.28 10.99
CA ALA C 176 61.22 9.59 11.98
C ALA C 176 60.10 10.54 12.45
N GLY C 177 60.46 11.59 13.19
CA GLY C 177 59.51 12.60 13.71
C GLY C 177 58.50 13.01 12.65
N ILE C 178 58.99 13.20 11.41
CA ILE C 178 58.18 13.52 10.20
C ILE C 178 57.18 12.38 9.94
N ALA C 179 57.64 11.12 10.03
CA ALA C 179 56.82 9.91 9.81
C ALA C 179 55.76 9.79 10.93
N LEU C 180 56.11 10.20 12.16
CA LEU C 180 55.17 10.27 13.31
C LEU C 180 54.10 11.33 13.05
N MET C 181 54.48 12.50 12.52
CA MET C 181 53.57 13.64 12.25
C MET C 181 52.54 13.27 11.17
N LYS C 182 52.84 12.30 10.31
CA LYS C 182 51.85 11.73 9.38
C LYS C 182 50.83 10.95 10.22
N ASN C 183 51.27 9.94 10.96
CA ASN C 183 50.40 9.11 11.85
C ASN C 183 49.43 10.04 12.60
N ILE C 184 49.95 10.88 13.50
CA ILE C 184 49.17 11.81 14.35
C ILE C 184 48.20 12.61 13.48
N LEU C 185 48.73 13.45 12.59
CA LEU C 185 47.98 14.55 11.91
C LEU C 185 47.16 14.00 10.73
N GLY C 186 47.55 12.83 10.19
CA GLY C 186 46.82 12.25 9.06
C GLY C 186 45.97 11.03 9.43
N PHE C 187 46.20 10.41 10.59
CA PHE C 187 45.39 9.19 10.91
C PHE C 187 44.85 9.17 12.35
N ILE C 188 45.73 9.31 13.35
CA ILE C 188 45.34 9.15 14.77
C ILE C 188 44.26 10.15 15.17
N ILE C 189 44.39 11.40 14.74
CA ILE C 189 43.41 12.48 15.08
C ILE C 189 42.21 12.40 14.16
N PRO C 190 42.34 12.54 12.81
CA PRO C 190 41.19 12.38 11.92
C PRO C 190 40.26 11.22 12.30
N LEU C 191 40.80 10.09 12.77
CA LEU C 191 40.00 8.87 13.09
C LEU C 191 39.32 9.01 14.45
N ILE C 192 39.93 9.72 15.42
CA ILE C 192 39.28 10.07 16.71
C ILE C 192 37.98 10.80 16.39
N PHE C 193 38.03 11.78 15.47
CA PHE C 193 36.88 12.59 14.98
C PHE C 193 35.89 11.70 14.21
N ILE C 194 36.38 10.86 13.29
CA ILE C 194 35.55 10.11 12.30
C ILE C 194 34.83 8.94 13.00
N ALA C 195 35.49 8.24 13.91
CA ALA C 195 34.99 6.99 14.53
C ALA C 195 34.01 7.34 15.66
N THR C 196 34.34 8.30 16.52
CA THR C 196 33.48 8.72 17.67
C THR C 196 32.17 9.29 17.13
N CYS C 197 32.17 9.84 15.91
CA CYS C 197 30.95 10.26 15.16
C CYS C 197 30.05 9.04 14.93
N TYR C 198 30.60 7.96 14.37
CA TYR C 198 29.92 6.64 14.23
C TYR C 198 29.38 6.22 15.61
N PHE C 199 30.16 6.47 16.67
CA PHE C 199 29.85 6.17 18.10
C PHE C 199 28.87 7.20 18.68
N GLY C 200 28.38 8.14 17.87
CA GLY C 200 27.31 9.09 18.23
C GLY C 200 26.00 8.72 17.57
N ILE C 201 26.06 8.28 16.31
CA ILE C 201 24.89 7.77 15.52
C ILE C 201 24.40 6.47 16.17
N ARG C 202 25.31 5.53 16.49
CA ARG C 202 24.98 4.27 17.20
C ARG C 202 24.34 4.60 18.55
N LYS C 203 24.80 5.67 19.21
CA LYS C 203 24.35 6.10 20.56
C LYS C 203 23.01 6.85 20.47
N HIS C 204 22.72 7.48 19.32
CA HIS C 204 21.52 8.34 19.11
C HIS C 204 20.57 7.73 18.06
N LEU C 205 20.85 6.51 17.59
CA LEU C 205 19.87 5.65 16.88
C LEU C 205 19.68 4.36 17.69
N LEU C 206 19.91 4.45 19.00
CA LEU C 206 19.56 3.43 20.04
C LEU C 206 18.66 4.11 21.09
N LYS C 207 18.92 5.39 21.39
CA LYS C 207 18.12 6.28 22.28
C LYS C 207 16.84 6.74 21.57
N THR C 208 16.98 7.20 20.31
CA THR C 208 15.87 7.71 19.45
C THR C 208 15.02 6.52 18.97
N ASN C 209 14.88 5.48 19.80
CA ASN C 209 14.36 4.16 19.36
C ASN C 209 14.12 3.23 20.55
N ALA C 210 13.71 2.00 20.25
CA ALA C 210 13.50 0.90 21.21
C ALA C 210 13.82 -0.43 20.52
N ASP C 211 14.39 -1.38 21.27
CA ASP C 211 14.64 -2.78 20.81
C ASP C 211 13.49 -3.65 21.33
N LEU C 212 12.42 -3.74 20.53
CA LEU C 212 11.13 -4.41 20.88
C LEU C 212 11.13 -5.85 20.34
N GLU C 213 12.14 -6.23 19.56
CA GLU C 213 12.27 -7.60 18.98
C GLU C 213 12.41 -8.63 20.11
N ASP C 214 13.00 -8.23 21.24
CA ASP C 214 13.04 -9.01 22.51
C ASP C 214 11.60 -9.32 22.94
N ASN C 215 10.68 -8.39 22.69
CA ASN C 215 9.22 -8.53 22.97
C ASN C 215 8.57 -9.24 21.78
N TRP C 216 8.83 -8.80 20.55
CA TRP C 216 8.19 -9.30 19.30
C TRP C 216 8.38 -10.81 19.17
N GLU C 217 9.53 -11.36 19.59
CA GLU C 217 9.80 -12.82 19.48
C GLU C 217 8.81 -13.57 20.38
N THR C 218 8.66 -13.11 21.64
CA THR C 218 7.68 -13.63 22.63
C THR C 218 6.31 -13.78 21.97
N LEU C 219 5.76 -12.67 21.45
CA LEU C 219 4.47 -12.61 20.69
C LEU C 219 4.45 -13.71 19.62
N ASN C 220 5.50 -13.78 18.79
CA ASN C 220 5.61 -14.71 17.64
C ASN C 220 5.83 -16.15 18.12
N ASP C 221 6.50 -16.32 19.28
CA ASP C 221 6.80 -17.64 19.89
C ASP C 221 5.52 -18.22 20.51
N ASN C 222 4.90 -17.47 21.43
CA ASN C 222 3.76 -17.91 22.27
C ASN C 222 2.48 -18.08 21.44
N LEU C 223 2.42 -17.51 20.23
CA LEU C 223 1.26 -17.69 19.31
C LEU C 223 1.30 -19.11 18.73
N LYS C 224 2.45 -19.54 18.20
CA LYS C 224 2.65 -20.89 17.61
C LYS C 224 2.45 -21.97 18.69
N VAL C 225 2.64 -21.63 19.98
CA VAL C 225 2.26 -22.48 21.14
C VAL C 225 0.73 -22.60 21.17
N ILE C 226 0.03 -21.45 21.31
CA ILE C 226 -1.46 -21.34 21.33
C ILE C 226 -2.03 -22.08 20.11
N GLU C 227 -1.42 -21.90 18.93
CA GLU C 227 -1.90 -22.41 17.63
C GLU C 227 -1.90 -23.95 17.60
N LYS C 228 -1.05 -24.60 18.40
CA LYS C 228 -0.93 -26.09 18.47
C LYS C 228 -0.96 -26.55 19.94
N ALA C 229 -1.71 -25.86 20.80
CA ALA C 229 -1.88 -26.19 22.24
C ALA C 229 -2.74 -27.44 22.39
N ASP C 230 -2.56 -28.17 23.50
CA ASP C 230 -3.33 -29.38 23.87
C ASP C 230 -4.20 -29.09 25.09
N ASN C 231 -3.62 -28.42 26.11
CA ASN C 231 -4.27 -28.16 27.43
C ASN C 231 -4.71 -26.70 27.50
N ALA C 232 -5.39 -26.32 28.59
CA ALA C 232 -5.71 -24.92 28.95
C ALA C 232 -4.50 -24.32 29.69
N ALA C 233 -3.71 -25.16 30.37
CA ALA C 233 -2.49 -24.80 31.12
C ALA C 233 -1.54 -23.99 30.23
N GLN C 234 -1.16 -24.58 29.09
CA GLN C 234 -0.21 -24.00 28.10
C GLN C 234 -0.76 -22.69 27.57
N VAL C 235 -2.05 -22.67 27.20
CA VAL C 235 -2.74 -21.50 26.57
C VAL C 235 -2.77 -20.34 27.56
N LYS C 236 -3.01 -20.60 28.85
CA LYS C 236 -2.95 -19.58 29.92
C LYS C 236 -1.51 -19.11 30.09
N ASP C 237 -0.54 -20.04 29.97
CA ASP C 237 0.92 -19.78 30.12
C ASP C 237 1.38 -18.80 29.04
N ALA C 238 1.27 -19.22 27.76
CA ALA C 238 1.64 -18.44 26.57
C ALA C 238 1.16 -16.99 26.71
N LEU C 239 -0.12 -16.80 27.07
CA LEU C 239 -0.83 -15.49 27.07
C LEU C 239 -0.31 -14.59 28.19
N THR C 240 0.04 -15.14 29.37
CA THR C 240 0.55 -14.37 30.54
C THR C 240 1.94 -13.81 30.21
N LYS C 241 2.71 -14.50 29.35
CA LYS C 241 4.00 -14.01 28.82
C LYS C 241 3.74 -12.95 27.75
N MET C 242 2.80 -13.21 26.83
CA MET C 242 2.45 -12.28 25.72
C MET C 242 1.91 -10.96 26.28
N ARG C 243 1.36 -10.96 27.50
CA ARG C 243 0.84 -9.74 28.19
C ARG C 243 2.01 -8.86 28.65
N ALA C 244 2.97 -9.44 29.37
CA ALA C 244 4.17 -8.74 29.92
C ALA C 244 5.01 -8.16 28.77
N ALA C 245 5.15 -8.93 27.69
CA ALA C 245 5.80 -8.51 26.41
C ALA C 245 5.25 -7.16 25.97
N ALA C 246 3.92 -7.05 25.91
CA ALA C 246 3.18 -5.86 25.40
C ALA C 246 3.20 -4.72 26.43
N LEU C 247 3.33 -5.03 27.73
CA LEU C 247 3.39 -4.01 28.81
C LEU C 247 4.71 -3.25 28.74
N ASP C 248 5.82 -3.95 28.45
CA ASP C 248 7.15 -3.31 28.22
C ASP C 248 7.10 -2.56 26.88
N ALA C 249 6.84 -3.28 25.78
CA ALA C 249 6.75 -2.74 24.41
C ALA C 249 5.99 -1.40 24.41
N GLN C 250 4.91 -1.32 25.21
CA GLN C 250 4.08 -0.11 25.42
C GLN C 250 4.97 1.09 25.78
N LYS C 251 5.89 0.92 26.73
CA LYS C 251 6.77 1.99 27.26
C LYS C 251 7.62 2.59 26.12
N ALA C 252 8.37 1.74 25.40
CA ALA C 252 9.21 2.10 24.24
C ALA C 252 10.05 3.35 24.55
N MET C 267 3.97 12.74 14.81
CA MET C 267 3.83 11.78 15.94
C MET C 267 3.42 10.42 15.37
N LYS C 268 3.47 9.37 16.21
CA LYS C 268 3.05 7.98 15.85
C LYS C 268 1.99 7.49 16.84
N ASP C 269 1.02 6.72 16.34
CA ASP C 269 -0.09 6.11 17.12
C ASP C 269 0.32 4.72 17.63
N PHE C 270 1.53 4.27 17.27
CA PHE C 270 2.08 2.91 17.51
C PHE C 270 1.72 2.41 18.91
N ARG C 271 1.50 3.33 19.86
CA ARG C 271 1.23 3.03 21.29
C ARG C 271 -0.17 2.43 21.42
N HIS C 272 -1.14 2.89 20.61
CA HIS C 272 -2.54 2.37 20.58
C HIS C 272 -2.54 0.92 20.11
N GLY C 273 -1.68 0.59 19.13
CA GLY C 273 -1.47 -0.80 18.64
C GLY C 273 -1.18 -1.76 19.78
N PHE C 274 -0.64 -1.25 20.90
CA PHE C 274 -0.29 -2.04 22.11
C PHE C 274 -1.37 -1.89 23.18
N ASP C 275 -2.17 -0.82 23.13
CA ASP C 275 -3.45 -0.74 23.90
C ASP C 275 -4.37 -1.87 23.40
N ILE C 276 -4.56 -1.96 22.08
CA ILE C 276 -5.41 -2.98 21.39
C ILE C 276 -4.88 -4.38 21.73
N LEU C 277 -3.57 -4.58 21.70
CA LEU C 277 -2.92 -5.92 21.83
C LEU C 277 -3.07 -6.44 23.27
N VAL C 278 -2.96 -5.57 24.27
CA VAL C 278 -3.29 -5.90 25.69
C VAL C 278 -4.76 -6.33 25.74
N GLY C 279 -5.67 -5.47 25.25
CA GLY C 279 -7.13 -5.67 25.27
C GLY C 279 -7.61 -6.77 24.33
N GLN C 280 -6.69 -7.57 23.77
CA GLN C 280 -6.99 -8.81 23.01
C GLN C 280 -6.41 -10.03 23.73
N ILE C 281 -5.38 -9.83 24.56
CA ILE C 281 -4.71 -10.90 25.36
C ILE C 281 -5.50 -11.11 26.66
N ASP C 282 -5.90 -10.02 27.33
CA ASP C 282 -6.70 -10.03 28.57
C ASP C 282 -7.97 -10.85 28.35
N ASP C 283 -8.65 -10.60 27.21
CA ASP C 283 -9.94 -11.24 26.83
C ASP C 283 -9.72 -12.74 26.64
N ALA C 284 -8.59 -13.12 26.02
CA ALA C 284 -8.23 -14.53 25.70
C ALA C 284 -7.67 -15.22 26.94
N LEU C 285 -6.98 -14.50 27.83
CA LEU C 285 -6.60 -14.98 29.19
C LEU C 285 -7.87 -15.37 29.93
N LYS C 286 -8.90 -14.51 29.85
CA LYS C 286 -10.22 -14.66 30.53
C LYS C 286 -10.86 -15.98 30.05
N LEU C 287 -10.81 -16.26 28.74
CA LEU C 287 -11.27 -17.54 28.14
C LEU C 287 -10.47 -18.71 28.72
N ALA C 288 -9.15 -18.55 28.84
CA ALA C 288 -8.19 -19.62 29.21
C ALA C 288 -8.23 -19.92 30.72
N ASN C 289 -8.73 -18.98 31.54
CA ASN C 289 -8.96 -19.18 33.00
C ASN C 289 -10.29 -19.91 33.21
N GLU C 290 -11.15 -19.96 32.19
CA GLU C 290 -12.41 -20.74 32.19
C GLU C 290 -12.09 -22.21 31.84
N GLY C 291 -11.13 -22.44 30.94
CA GLY C 291 -10.79 -23.77 30.42
C GLY C 291 -11.28 -23.97 29.00
N LYS C 292 -11.41 -22.87 28.24
CA LYS C 292 -11.86 -22.84 26.83
C LYS C 292 -10.64 -22.69 25.93
N VAL C 293 -10.15 -23.81 25.40
CA VAL C 293 -8.90 -23.92 24.60
C VAL C 293 -9.18 -23.45 23.17
N LYS C 294 -10.22 -24.00 22.52
CA LYS C 294 -10.63 -23.65 21.13
C LYS C 294 -11.07 -22.18 21.06
N GLU C 295 -11.77 -21.70 22.09
CA GLU C 295 -12.21 -20.28 22.19
C GLU C 295 -10.98 -19.38 22.31
N ALA C 296 -10.15 -19.61 23.33
CA ALA C 296 -8.85 -18.93 23.55
C ALA C 296 -8.03 -18.96 22.25
N GLN C 297 -7.92 -20.14 21.62
CA GLN C 297 -7.19 -20.35 20.34
C GLN C 297 -7.69 -19.34 19.30
N ALA C 298 -8.99 -19.34 19.01
CA ALA C 298 -9.64 -18.47 18.00
C ALA C 298 -9.56 -17.00 18.44
N ALA C 299 -9.39 -16.75 19.75
CA ALA C 299 -9.24 -15.40 20.35
C ALA C 299 -7.86 -14.82 20.01
N ALA C 300 -6.84 -15.69 19.90
CA ALA C 300 -5.44 -15.33 19.57
C ALA C 300 -5.24 -15.38 18.04
N GLU C 301 -6.15 -16.05 17.33
CA GLU C 301 -6.27 -16.01 15.86
C GLU C 301 -6.48 -14.56 15.41
N GLN C 302 -7.12 -13.74 16.27
CA GLN C 302 -7.41 -12.31 16.02
C GLN C 302 -6.20 -11.46 16.41
N LEU C 303 -5.57 -11.75 17.55
CA LEU C 303 -4.28 -11.14 17.99
C LEU C 303 -3.34 -11.00 16.79
N LYS C 304 -3.06 -12.12 16.13
CA LYS C 304 -2.15 -12.24 14.97
C LYS C 304 -2.37 -11.08 14.00
N THR C 305 -3.63 -10.67 13.77
CA THR C 305 -3.99 -9.59 12.82
C THR C 305 -3.68 -8.22 13.43
N THR C 306 -3.71 -8.08 14.76
CA THR C 306 -3.21 -6.87 15.47
C THR C 306 -1.69 -6.80 15.30
N ARG C 307 -0.99 -7.85 15.72
CA ARG C 307 0.50 -7.98 15.65
C ARG C 307 0.98 -7.76 14.22
N ASN C 308 0.36 -8.41 13.24
CA ASN C 308 0.73 -8.33 11.80
C ASN C 308 0.66 -6.88 11.29
N ALA C 309 -0.37 -6.14 11.72
CA ALA C 309 -0.59 -4.71 11.35
C ALA C 309 0.55 -3.84 11.89
N TYR C 310 1.13 -4.21 13.03
CA TYR C 310 2.04 -3.37 13.83
C TYR C 310 3.49 -3.89 13.74
N ILE C 311 3.72 -5.20 13.55
CA ILE C 311 5.07 -5.73 13.20
C ILE C 311 5.49 -5.06 11.88
N GLN C 312 4.56 -4.97 10.92
CA GLN C 312 4.83 -4.50 9.53
C GLN C 312 5.25 -3.03 9.58
N LYS C 313 4.60 -2.24 10.43
CA LYS C 313 4.91 -0.80 10.67
C LYS C 313 6.37 -0.67 11.14
N TYR C 314 6.74 -1.49 12.13
CA TYR C 314 8.03 -1.49 12.86
C TYR C 314 9.19 -1.70 11.89
N LEU C 315 9.00 -2.53 10.86
CA LEU C 315 10.07 -2.97 9.92
C LEU C 315 10.34 -1.88 8.87
N LYS C 316 9.32 -1.11 8.47
CA LYS C 316 9.49 0.01 7.51
C LYS C 316 10.26 1.17 8.19
N ASN C 317 10.05 1.34 9.50
CA ASN C 317 10.72 2.41 10.30
C ASN C 317 12.17 2.01 10.58
N ARG C 318 12.42 0.72 10.84
CA ARG C 318 13.76 0.21 11.24
C ARG C 318 14.67 0.03 10.01
N ILE C 319 14.09 0.01 8.79
CA ILE C 319 14.86 0.00 7.51
C ILE C 319 15.37 1.41 7.22
N THR C 320 14.68 2.44 7.72
CA THR C 320 15.08 3.87 7.63
C THR C 320 16.22 4.16 8.62
N ARG C 321 16.19 3.51 9.79
CA ARG C 321 17.24 3.53 10.84
C ARG C 321 18.42 2.65 10.38
N ASP C 322 18.15 1.68 9.49
CA ASP C 322 19.13 0.70 8.96
C ASP C 322 20.06 1.38 7.95
N GLN C 323 19.49 1.99 6.91
CA GLN C 323 20.25 2.64 5.79
C GLN C 323 21.09 3.79 6.35
N VAL C 324 20.60 4.48 7.39
CA VAL C 324 21.36 5.53 8.14
C VAL C 324 22.67 4.91 8.64
N LEU C 325 22.56 3.83 9.41
CA LEU C 325 23.67 3.20 10.17
C LEU C 325 24.70 2.60 9.20
N LYS C 326 24.24 1.83 8.21
CA LYS C 326 25.08 1.11 7.22
C LYS C 326 25.99 2.09 6.47
N MET C 327 25.53 3.33 6.22
CA MET C 327 26.29 4.37 5.47
C MET C 327 27.32 5.04 6.40
N ALA C 328 26.97 5.28 7.66
CA ALA C 328 27.88 5.85 8.70
C ALA C 328 29.02 4.87 9.00
N ALA C 329 28.79 3.58 8.77
CA ALA C 329 29.79 2.48 8.89
C ALA C 329 30.70 2.48 7.66
N ALA C 330 30.11 2.39 6.46
CA ALA C 330 30.80 2.31 5.15
C ALA C 330 31.76 3.50 4.98
N VAL C 331 31.49 4.63 5.65
CA VAL C 331 32.36 5.85 5.66
C VAL C 331 33.67 5.56 6.40
N VAL C 332 33.59 4.91 7.57
CA VAL C 332 34.75 4.68 8.49
C VAL C 332 35.52 3.44 8.01
N LEU C 333 34.86 2.51 7.32
CA LEU C 333 35.54 1.32 6.71
C LEU C 333 36.39 1.81 5.54
N ALA C 334 35.77 2.41 4.52
CA ALA C 334 36.45 3.01 3.34
C ALA C 334 37.72 3.74 3.80
N PHE C 335 37.61 4.54 4.87
CA PHE C 335 38.76 5.25 5.49
C PHE C 335 39.80 4.22 5.94
N ILE C 336 39.50 3.42 6.97
CA ILE C 336 40.44 2.48 7.64
C ILE C 336 41.05 1.50 6.61
N ILE C 337 40.25 1.04 5.64
CA ILE C 337 40.65 0.03 4.62
C ILE C 337 41.74 0.61 3.71
N CYS C 338 41.81 1.93 3.55
CA CYS C 338 42.71 2.62 2.59
C CYS C 338 43.91 3.30 3.29
N TRP C 339 43.73 3.79 4.52
CA TRP C 339 44.71 4.66 5.21
C TRP C 339 45.32 3.99 6.45
N LEU C 340 44.92 2.77 6.82
CA LEU C 340 45.65 2.04 7.89
C LEU C 340 46.92 1.42 7.33
N PRO C 341 46.89 0.72 6.17
CA PRO C 341 48.09 0.09 5.63
C PRO C 341 49.25 1.09 5.61
N PHE C 342 49.05 2.21 4.93
CA PHE C 342 50.07 3.28 4.74
C PHE C 342 50.61 3.76 6.08
N HIS C 343 49.74 3.94 7.09
CA HIS C 343 50.09 4.61 8.38
C HIS C 343 50.72 3.62 9.35
N VAL C 344 50.51 2.31 9.17
CA VAL C 344 51.23 1.26 9.94
C VAL C 344 52.68 1.26 9.48
N LEU C 345 52.91 0.98 8.19
CA LEU C 345 54.25 0.93 7.56
C LEU C 345 55.04 2.21 7.85
N THR C 346 54.35 3.35 7.96
CA THR C 346 54.95 4.67 8.30
C THR C 346 55.43 4.64 9.76
N PHE C 347 54.68 3.99 10.65
CA PHE C 347 55.02 3.87 12.10
C PHE C 347 56.19 2.90 12.30
N LEU C 348 56.29 1.87 11.46
CA LEU C 348 57.44 0.92 11.43
C LEU C 348 58.65 1.61 10.81
N ASP C 349 58.51 2.11 9.56
CA ASP C 349 59.50 2.98 8.89
C ASP C 349 60.11 3.94 9.92
N ALA C 350 59.26 4.55 10.76
CA ALA C 350 59.61 5.58 11.77
C ALA C 350 60.33 4.95 12.97
N LEU C 351 59.86 3.80 13.46
CA LEU C 351 60.48 3.06 14.59
C LEU C 351 61.90 2.65 14.19
N ALA C 352 62.07 2.17 12.96
CA ALA C 352 63.38 1.78 12.36
C ALA C 352 64.32 2.99 12.33
N TRP C 353 63.80 4.17 12.00
CA TRP C 353 64.58 5.44 11.95
C TRP C 353 65.11 5.79 13.35
N MET C 354 64.28 5.60 14.39
CA MET C 354 64.68 5.77 15.82
C MET C 354 65.73 4.71 16.17
N GLY C 355 65.59 3.50 15.60
CA GLY C 355 66.51 2.36 15.82
C GLY C 355 65.86 1.24 16.62
N VAL C 356 64.53 1.26 16.77
CA VAL C 356 63.77 0.22 17.52
C VAL C 356 63.72 -1.07 16.70
N ILE C 357 63.79 -0.96 15.36
CA ILE C 357 63.77 -2.11 14.41
C ILE C 357 65.10 -2.11 13.62
N ASN C 358 65.74 -3.28 13.51
CA ASN C 358 67.09 -3.44 12.91
C ASN C 358 67.06 -4.43 11.74
N SER C 359 66.52 -5.64 11.96
CA SER C 359 66.41 -6.73 10.96
C SER C 359 66.04 -6.15 9.60
N CYS C 360 66.79 -6.50 8.54
CA CYS C 360 66.65 -5.92 7.18
C CYS C 360 65.79 -6.81 6.29
N GLU C 361 65.29 -7.96 6.79
CA GLU C 361 64.17 -8.70 6.12
C GLU C 361 62.93 -7.81 6.24
N VAL C 362 62.76 -7.13 7.38
CA VAL C 362 61.67 -6.15 7.69
C VAL C 362 61.82 -4.96 6.74
N ILE C 363 62.96 -4.28 6.83
CA ILE C 363 63.24 -2.97 6.16
C ILE C 363 63.27 -3.19 4.63
N ALA C 364 63.62 -4.40 4.18
CA ALA C 364 63.47 -4.82 2.77
C ALA C 364 61.99 -4.67 2.37
N VAL C 365 61.09 -5.18 3.22
CA VAL C 365 59.64 -5.36 2.94
C VAL C 365 58.87 -4.07 3.24
N ILE C 366 59.29 -3.27 4.23
CA ILE C 366 58.67 -1.94 4.52
C ILE C 366 58.81 -1.08 3.26
N ASP C 367 59.99 -1.05 2.63
CA ASP C 367 60.29 -0.21 1.44
C ASP C 367 59.96 -0.95 0.14
N LEU C 368 59.41 -2.18 0.23
CA LEU C 368 58.84 -2.94 -0.92
C LEU C 368 57.31 -2.88 -0.87
N ALA C 369 56.73 -2.43 0.25
CA ALA C 369 55.26 -2.43 0.54
C ALA C 369 54.68 -1.01 0.41
N LEU C 370 55.28 -0.02 1.09
CA LEU C 370 54.85 1.40 1.14
C LEU C 370 54.39 1.91 -0.23
N PRO C 371 55.05 1.54 -1.35
CA PRO C 371 54.51 1.76 -2.70
C PRO C 371 53.01 1.45 -2.89
N PHE C 372 52.57 0.28 -2.42
CA PHE C 372 51.19 -0.25 -2.56
C PHE C 372 50.26 0.39 -1.53
N ALA C 373 50.66 0.36 -0.25
CA ALA C 373 49.95 1.01 0.87
C ALA C 373 49.62 2.47 0.54
N ILE C 374 50.54 3.15 -0.16
CA ILE C 374 50.35 4.52 -0.71
C ILE C 374 49.21 4.48 -1.74
N LEU C 375 49.37 3.71 -2.81
CA LEU C 375 48.37 3.64 -3.91
C LEU C 375 46.95 3.49 -3.31
N LEU C 376 46.84 2.81 -2.17
CA LEU C 376 45.56 2.59 -1.47
C LEU C 376 45.00 3.94 -0.98
N GLY C 377 45.80 4.73 -0.27
CA GLY C 377 45.43 6.08 0.19
C GLY C 377 44.78 6.91 -0.91
N PHE C 378 45.18 6.69 -2.17
CA PHE C 378 44.66 7.41 -3.36
C PHE C 378 43.38 6.74 -3.88
N THR C 379 43.18 5.45 -3.59
CA THR C 379 41.94 4.70 -3.91
C THR C 379 40.77 5.33 -3.15
N ASN C 380 40.99 5.74 -1.90
CA ASN C 380 39.99 6.43 -1.05
C ASN C 380 39.48 7.69 -1.77
N SER C 381 40.39 8.42 -2.44
CA SER C 381 40.07 9.59 -3.30
C SER C 381 39.12 9.15 -4.44
N CYS C 382 39.29 7.92 -4.93
CA CYS C 382 38.48 7.28 -6.00
C CYS C 382 37.12 6.79 -5.45
N VAL C 383 36.96 6.75 -4.12
CA VAL C 383 35.87 6.01 -3.41
C VAL C 383 34.87 7.00 -2.80
N ASN C 384 35.34 8.10 -2.18
CA ASN C 384 34.50 9.07 -1.44
C ASN C 384 33.30 9.50 -2.29
N PRO C 385 33.46 9.80 -3.60
CA PRO C 385 32.31 10.04 -4.49
C PRO C 385 31.15 9.04 -4.39
N PHE C 386 31.43 7.73 -4.24
CA PHE C 386 30.39 6.68 -4.11
C PHE C 386 29.70 6.77 -2.75
N LEU C 387 30.46 7.08 -1.69
CA LEU C 387 29.99 7.15 -0.28
C LEU C 387 29.12 8.39 -0.07
N TYR C 388 29.54 9.54 -0.61
CA TYR C 388 29.12 10.89 -0.15
C TYR C 388 28.12 11.53 -1.15
N CYS C 389 28.17 11.18 -2.43
CA CYS C 389 27.28 11.75 -3.49
C CYS C 389 26.39 10.66 -4.09
N PHE C 390 26.97 9.59 -4.64
CA PHE C 390 26.29 8.58 -5.49
C PHE C 390 25.17 7.87 -4.72
N VAL C 391 25.28 7.75 -3.39
CA VAL C 391 24.19 7.20 -2.51
C VAL C 391 23.06 8.25 -2.45
N GLY C 392 21.82 7.81 -2.69
CA GLY C 392 20.61 8.66 -2.69
C GLY C 392 20.10 8.94 -4.10
N ASN C 393 21.01 8.95 -5.09
CA ASN C 393 20.69 9.11 -6.53
C ASN C 393 21.50 8.10 -7.35
N ARG D 2 69.55 4.82 4.59
CA ARG D 2 68.62 4.92 3.47
C ARG D 2 68.27 6.39 3.24
N VAL D 3 67.26 6.64 2.40
CA VAL D 3 66.50 7.93 2.35
C VAL D 3 65.00 7.62 2.36
N TYR D 4 64.15 8.63 2.60
CA TYR D 4 62.70 8.55 2.30
C TYR D 4 62.55 8.64 0.79
N ILE D 5 62.18 7.52 0.15
CA ILE D 5 62.21 7.35 -1.33
C ILE D 5 60.83 7.65 -1.91
N HIS D 6 59.76 7.27 -1.20
CA HIS D 6 58.37 7.16 -1.73
C HIS D 6 57.74 8.54 -1.89
N PRO D 7 56.69 8.68 -2.74
CA PRO D 7 56.05 9.98 -3.00
C PRO D 7 55.53 10.69 -1.75
N ILE D 8 55.18 9.92 -0.71
CA ILE D 8 54.85 10.44 0.64
C ILE D 8 55.67 9.64 1.66
#